data_6UQL
#
_entry.id   6UQL
#
_cell.length_a   65.706
_cell.length_b   84.797
_cell.length_c   240.219
_cell.angle_alpha   90.000
_cell.angle_beta   90.000
_cell.angle_gamma   90.000
#
_symmetry.space_group_name_H-M   'P 21 21 21'
#
loop_
_entity.id
_entity.type
_entity.pdbx_description
1 polymer 'Fumarate hydratase 2'
2 non-polymer 'IRON/SULFUR CLUSTER'
3 non-polymer '(2S)-2-hydroxybutanedioic acid'
4 non-polymer GLYCEROL
5 water water
#
_entity_poly.entity_id   1
_entity_poly.type   'polypeptide(L)'
_entity_poly.pdbx_seq_one_letter_code
;MGSSHHHHHHSSGLVPRGSHMASMTGGQQMGRGSEFMSLCDQCEIGCRRVGIKDIEDASAVNADFHFSAIFQPTDPHHHQ
TEFAKVEGSEKYVEEVEVFGRQALKVNPEALTILAHRAFSDVHHFFRKDHLEGWRRAIEDPEASDNDRYVATTLLKNACI
AAGRVLPSCQDTGTAIVLGKRGELCWTGGEDEKYLSKGIWNAYRYHNLRYSQTAALDMFKECNTGDNLPAQLDLLAVPGS
DYEFLFIAKGGGSANKAYLYQETKALLNPKSLRAFIEEKLKTLGTAACPPYHIALVIGGTSAEMTMKTVKLASCRYYDSL
PTTGDKYGRAFRDPEWEKIVMEVAQKSGIGAQFGGKYFAHQARVIRLPRHGASCPVGLAVSCSADRQILAHINKSGIYIE
QLEQNPAQYLPDIPEVHLSTTSVKVDLKRPIDKVRQQLSQYPVGTRVMLNGTLIVARDIAHAKIKEMMDNGEPLPEYMKT
SPIYYAGPAKTPEGYASGSFGPTTAGAMDSYVDLFQSHGGSYITLAKGNRSKQVTDACKKHGGFYLGSIGGPAAILAKDS
IKQVTCLAFPELGMEAVWKIEVEDFPAFIVVDDKGNDMYSKTLA
;
_entity_poly.pdbx_strand_id   A,B
#
loop_
_chem_comp.id
_chem_comp.type
_chem_comp.name
_chem_comp.formula
GOL non-polymer GLYCEROL 'C3 H8 O3'
LMR non-polymer '(2S)-2-hydroxybutanedioic acid' 'C4 H6 O5'
SF4 non-polymer 'IRON/SULFUR CLUSTER' 'Fe4 S4'
#
# COMPACT_ATOMS: atom_id res chain seq x y z
N ASP A 64 6.75 30.12 14.94
CA ASP A 64 6.45 30.69 13.63
C ASP A 64 6.27 29.59 12.60
N PHE A 65 5.48 29.88 11.57
CA PHE A 65 5.22 28.93 10.49
C PHE A 65 6.42 28.82 9.57
N HIS A 66 6.80 27.58 9.24
CA HIS A 66 7.85 27.34 8.26
C HIS A 66 7.42 26.16 7.39
N PHE A 67 7.25 26.41 6.09
CA PHE A 67 6.88 25.34 5.18
C PHE A 67 8.10 24.50 4.82
N SER A 68 7.94 23.19 4.88
CA SER A 68 9.00 22.26 4.50
C SER A 68 8.35 21.14 3.70
N ALA A 69 8.64 21.08 2.40
CA ALA A 69 8.16 19.97 1.59
C ALA A 69 8.80 18.67 2.08
N ILE A 70 8.03 17.58 2.02
CA ILE A 70 8.55 16.30 2.49
C ILE A 70 9.74 15.88 1.62
N PHE A 71 9.60 16.00 0.30
CA PHE A 71 10.63 15.58 -0.64
C PHE A 71 11.36 16.80 -1.18
N GLN A 72 12.67 16.88 -0.94
CA GLN A 72 13.50 18.00 -1.38
C GLN A 72 14.72 17.46 -2.15
N PRO A 73 14.50 16.84 -3.30
CA PRO A 73 15.64 16.37 -4.10
C PRO A 73 16.55 17.53 -4.49
N THR A 74 17.85 17.28 -4.46
CA THR A 74 18.77 18.30 -4.94
C THR A 74 18.75 18.40 -6.45
N ASP A 75 18.19 17.41 -7.14
CA ASP A 75 18.10 17.40 -8.60
C ASP A 75 16.65 17.14 -9.02
N PRO A 76 15.74 18.06 -8.70
CA PRO A 76 14.31 17.78 -8.92
C PRO A 76 13.93 17.59 -10.38
N HIS A 77 14.69 18.15 -11.32
CA HIS A 77 14.39 17.99 -12.74
C HIS A 77 15.22 16.90 -13.40
N HIS A 78 15.97 16.13 -12.62
CA HIS A 78 16.73 14.98 -13.11
C HIS A 78 17.75 15.40 -14.16
N HIS A 79 18.47 16.48 -13.86
CA HIS A 79 19.56 16.93 -14.71
C HIS A 79 20.67 15.90 -14.81
N GLN A 80 20.78 15.00 -13.84
CA GLN A 80 21.79 13.95 -13.91
C GLN A 80 21.52 12.93 -15.01
N THR A 81 20.33 12.97 -15.62
CA THR A 81 19.95 12.02 -16.66
C THR A 81 20.21 12.63 -18.04
N GLU A 82 20.67 11.79 -18.98
CA GLU A 82 20.87 12.19 -20.36
C GLU A 82 19.57 12.02 -21.14
N PHE A 83 19.20 13.06 -21.89
CA PHE A 83 17.99 13.04 -22.71
C PHE A 83 18.33 13.29 -24.18
N ALA A 84 17.54 12.70 -25.06
CA ALA A 84 17.57 13.03 -26.48
C ALA A 84 16.27 13.72 -26.84
N LYS A 85 16.35 14.71 -27.74
CA LYS A 85 15.17 15.41 -28.21
C LYS A 85 14.58 14.70 -29.42
N VAL A 86 13.26 14.55 -29.41
CA VAL A 86 12.55 14.00 -30.57
C VAL A 86 12.63 15.01 -31.71
N GLU A 87 13.18 14.58 -32.85
CA GLU A 87 13.45 15.50 -33.95
C GLU A 87 12.18 16.19 -34.41
N GLY A 88 12.28 17.50 -34.61
CA GLY A 88 11.17 18.32 -35.04
C GLY A 88 10.09 18.56 -34.00
N SER A 89 10.24 18.06 -32.77
CA SER A 89 9.16 18.15 -31.80
C SER A 89 8.93 19.57 -31.28
N GLU A 90 9.78 20.53 -31.63
CA GLU A 90 9.49 21.90 -31.22
C GLU A 90 8.26 22.46 -31.89
N LYS A 91 7.77 21.80 -32.95
CA LYS A 91 6.53 22.19 -33.60
C LYS A 91 5.30 21.91 -32.74
N TYR A 92 5.43 21.12 -31.69
CA TYR A 92 4.28 20.81 -30.83
C TYR A 92 4.13 21.75 -29.66
N VAL A 93 5.07 22.67 -29.45
CA VAL A 93 5.07 23.54 -28.28
C VAL A 93 5.23 24.98 -28.74
N GLU A 94 4.71 25.89 -27.95
CA GLU A 94 4.89 27.31 -28.22
C GLU A 94 4.93 28.07 -26.90
N GLU A 95 6.00 28.83 -26.70
CA GLU A 95 6.15 29.63 -25.49
C GLU A 95 5.35 30.92 -25.66
N VAL A 96 4.50 31.22 -24.68
CA VAL A 96 3.69 32.43 -24.69
C VAL A 96 3.80 33.11 -23.33
N GLU A 97 3.25 34.32 -23.25
CA GLU A 97 3.25 35.09 -22.03
C GLU A 97 1.83 35.57 -21.80
N VAL A 98 1.25 35.18 -20.66
CA VAL A 98 -0.10 35.60 -20.29
C VAL A 98 -0.04 36.25 -18.93
N PHE A 99 -0.71 37.41 -18.80
CA PHE A 99 -0.79 38.14 -17.55
C PHE A 99 0.58 38.27 -16.88
N GLY A 100 1.59 38.52 -17.69
CA GLY A 100 2.95 38.75 -17.22
C GLY A 100 3.76 37.53 -16.88
N ARG A 101 3.24 36.32 -17.11
CA ARG A 101 3.95 35.10 -16.75
C ARG A 101 4.21 34.24 -17.98
N GLN A 102 5.35 33.54 -17.96
CA GLN A 102 5.72 32.66 -19.06
C GLN A 102 4.88 31.38 -19.00
N ALA A 103 4.30 31.00 -20.12
CA ALA A 103 3.46 29.82 -20.23
C ALA A 103 3.84 29.03 -21.47
N LEU A 104 3.39 27.78 -21.53
CA LEU A 104 3.70 26.88 -22.64
C LEU A 104 2.43 26.25 -23.18
N LYS A 105 2.14 26.50 -24.45
CA LYS A 105 1.09 25.80 -25.15
C LYS A 105 1.66 24.49 -25.69
N VAL A 106 1.02 23.38 -25.37
CA VAL A 106 1.46 22.06 -25.79
C VAL A 106 0.32 21.42 -26.60
N ASN A 107 0.59 21.14 -27.86
CA ASN A 107 -0.29 20.29 -28.65
C ASN A 107 -0.39 18.92 -27.97
N PRO A 108 -1.58 18.47 -27.56
CA PRO A 108 -1.67 17.19 -26.83
C PRO A 108 -1.16 16.01 -27.63
N GLU A 109 -1.07 16.13 -28.96
CA GLU A 109 -0.45 15.08 -29.76
C GLU A 109 0.98 14.79 -29.30
N ALA A 110 1.66 15.76 -28.69
CA ALA A 110 2.98 15.51 -28.13
C ALA A 110 2.93 14.42 -27.06
N LEU A 111 1.85 14.38 -26.27
CA LEU A 111 1.72 13.34 -25.26
C LEU A 111 1.63 11.96 -25.89
N THR A 112 0.89 11.85 -27.00
CA THR A 112 0.79 10.59 -27.71
C THR A 112 2.14 10.17 -28.28
N ILE A 113 2.85 11.11 -28.93
CA ILE A 113 4.16 10.81 -29.51
C ILE A 113 5.13 10.37 -28.42
N LEU A 114 5.13 11.08 -27.30
CA LEU A 114 6.08 10.77 -26.23
C LEU A 114 5.79 9.41 -25.60
N ALA A 115 4.53 9.15 -25.23
CA ALA A 115 4.20 7.88 -24.59
C ALA A 115 4.46 6.71 -25.53
N HIS A 116 4.09 6.80 -26.78
N HIS A 116 4.17 6.89 -26.83
CA HIS A 116 4.46 5.84 -27.78
CA HIS A 116 4.44 5.83 -27.80
C HIS A 116 5.94 5.51 -27.85
C HIS A 116 5.92 5.49 -27.85
N ARG A 117 6.78 6.51 -27.94
CA ARG A 117 8.22 6.23 -28.01
C ARG A 117 8.75 5.68 -26.69
N ALA A 118 8.26 6.23 -25.56
CA ALA A 118 8.73 5.77 -24.26
C ALA A 118 8.45 4.29 -24.05
N PHE A 119 7.21 3.85 -24.32
CA PHE A 119 6.83 2.47 -24.11
C PHE A 119 7.21 1.54 -25.26
N SER A 120 7.92 2.04 -26.28
CA SER A 120 8.61 1.19 -27.24
C SER A 120 10.07 1.02 -26.86
N ASP A 121 10.79 2.13 -26.62
CA ASP A 121 12.21 2.07 -26.32
C ASP A 121 12.48 1.27 -25.06
N VAL A 122 11.61 1.38 -24.05
CA VAL A 122 11.92 0.82 -22.74
C VAL A 122 11.96 -0.71 -22.76
N HIS A 123 11.38 -1.34 -23.77
CA HIS A 123 11.37 -2.78 -23.87
C HIS A 123 12.59 -3.34 -24.58
N HIS A 124 13.52 -2.50 -25.00
CA HIS A 124 14.66 -2.96 -25.76
C HIS A 124 16.01 -2.51 -25.21
N PHE A 125 16.02 -1.61 -24.22
CA PHE A 125 17.26 -1.07 -23.69
C PHE A 125 17.14 -0.91 -22.19
N PHE A 126 18.29 -0.77 -21.54
CA PHE A 126 18.37 -0.69 -20.09
C PHE A 126 19.23 0.51 -19.69
N ARG A 127 19.09 0.89 -18.42
CA ARG A 127 19.96 1.90 -17.82
C ARG A 127 21.33 1.33 -17.52
N LYS A 128 22.31 2.24 -17.38
CA LYS A 128 23.67 1.81 -17.09
C LYS A 128 23.76 1.14 -15.72
N ASP A 129 23.06 1.66 -14.71
CA ASP A 129 23.21 1.07 -13.37
C ASP A 129 22.65 -0.35 -13.33
N HIS A 130 21.66 -0.65 -14.17
CA HIS A 130 21.18 -2.03 -14.29
C HIS A 130 22.23 -2.92 -14.96
N LEU A 131 22.72 -2.51 -16.13
CA LEU A 131 23.69 -3.34 -16.84
C LEU A 131 24.98 -3.51 -16.05
N GLU A 132 25.43 -2.43 -15.38
CA GLU A 132 26.63 -2.51 -14.56
C GLU A 132 26.49 -3.57 -13.46
N GLY A 133 25.28 -3.72 -12.92
CA GLY A 133 25.07 -4.75 -11.91
C GLY A 133 25.28 -6.14 -12.44
N TRP A 134 24.79 -6.41 -13.65
CA TRP A 134 25.00 -7.71 -14.27
C TRP A 134 26.48 -7.97 -14.53
N ARG A 135 27.21 -6.95 -15.01
CA ARG A 135 28.64 -7.13 -15.23
C ARG A 135 29.37 -7.36 -13.91
N ARG A 136 28.93 -6.66 -12.85
CA ARG A 136 29.52 -6.87 -11.53
C ARG A 136 29.38 -8.32 -11.09
N ALA A 137 28.21 -8.92 -11.32
CA ALA A 137 28.01 -10.32 -10.94
C ALA A 137 28.87 -11.27 -11.75
N ILE A 138 29.19 -10.91 -12.99
CA ILE A 138 30.03 -11.79 -13.81
C ILE A 138 31.50 -11.67 -13.41
N GLU A 139 31.94 -10.48 -12.99
CA GLU A 139 33.36 -10.25 -12.77
C GLU A 139 33.78 -10.43 -11.31
N ASP A 140 32.85 -10.41 -10.37
CA ASP A 140 33.20 -10.56 -8.96
C ASP A 140 33.74 -11.97 -8.68
N PRO A 141 34.96 -12.11 -8.18
CA PRO A 141 35.44 -13.45 -7.81
C PRO A 141 34.58 -14.13 -6.75
N GLU A 142 33.87 -13.35 -5.93
CA GLU A 142 33.03 -13.90 -4.88
C GLU A 142 31.65 -14.34 -5.38
N ALA A 143 31.28 -14.02 -6.62
CA ALA A 143 30.04 -14.54 -7.17
C ALA A 143 30.11 -16.05 -7.36
N SER A 144 28.96 -16.71 -7.18
CA SER A 144 28.91 -18.14 -7.47
C SER A 144 28.85 -18.38 -8.97
N ASP A 145 29.07 -19.64 -9.37
CA ASP A 145 28.91 -20.00 -10.78
C ASP A 145 27.49 -19.72 -11.25
N ASN A 146 26.50 -20.01 -10.42
CA ASN A 146 25.11 -19.72 -10.80
C ASN A 146 24.88 -18.22 -10.92
N ASP A 147 25.49 -17.41 -10.05
CA ASP A 147 25.44 -15.96 -10.20
C ASP A 147 25.89 -15.56 -11.61
N ARG A 148 27.08 -16.02 -12.01
CA ARG A 148 27.65 -15.62 -13.29
C ARG A 148 26.82 -16.13 -14.46
N TYR A 149 26.29 -17.34 -14.35
CA TYR A 149 25.49 -17.93 -15.41
C TYR A 149 24.20 -17.14 -15.64
N VAL A 150 23.51 -16.78 -14.55
CA VAL A 150 22.26 -16.02 -14.68
C VAL A 150 22.54 -14.64 -15.26
N ALA A 151 23.56 -13.95 -14.72
CA ALA A 151 23.89 -12.62 -15.20
C ALA A 151 24.33 -12.64 -16.67
N THR A 152 25.11 -13.64 -17.07
CA THR A 152 25.50 -13.74 -18.47
C THR A 152 24.28 -13.95 -19.35
N THR A 153 23.35 -14.83 -18.92
CA THR A 153 22.13 -15.06 -19.69
C THR A 153 21.32 -13.78 -19.84
N LEU A 154 21.18 -13.01 -18.76
CA LEU A 154 20.38 -11.79 -18.83
C LEU A 154 21.02 -10.74 -19.72
N LEU A 155 22.36 -10.63 -19.69
CA LEU A 155 23.03 -9.68 -20.55
C LEU A 155 22.91 -10.09 -22.02
N LYS A 156 23.04 -11.39 -22.30
CA LYS A 156 22.82 -11.86 -23.66
C LYS A 156 21.38 -11.63 -24.09
N ASN A 157 20.43 -11.79 -23.16
CA ASN A 157 19.04 -11.47 -23.45
C ASN A 157 18.88 -10.01 -23.82
N ALA A 158 19.54 -9.11 -23.07
CA ALA A 158 19.47 -7.69 -23.38
C ALA A 158 20.05 -7.38 -24.76
N CYS A 159 21.07 -8.14 -25.18
CA CYS A 159 21.65 -7.93 -26.52
C CYS A 159 20.64 -8.26 -27.61
N ILE A 160 19.86 -9.33 -27.42
CA ILE A 160 18.78 -9.66 -28.36
C ILE A 160 17.73 -8.57 -28.38
N ALA A 161 17.32 -8.11 -27.19
CA ALA A 161 16.28 -7.09 -27.09
C ALA A 161 16.70 -5.79 -27.76
N ALA A 162 17.99 -5.44 -27.69
CA ALA A 162 18.46 -4.23 -28.35
C ALA A 162 18.30 -4.29 -29.87
N GLY A 163 18.01 -5.47 -30.43
CA GLY A 163 17.67 -5.55 -31.83
C GLY A 163 16.34 -4.93 -32.18
N ARG A 164 15.57 -4.48 -31.19
CA ARG A 164 14.32 -3.73 -31.34
C ARG A 164 13.18 -4.57 -31.93
N VAL A 165 13.32 -5.89 -32.00
CA VAL A 165 12.23 -6.75 -32.46
C VAL A 165 11.55 -7.47 -31.30
N LEU A 166 12.34 -8.16 -30.47
CA LEU A 166 11.82 -8.90 -29.33
C LEU A 166 11.92 -8.06 -28.07
N PRO A 167 10.89 -7.98 -27.25
CA PRO A 167 11.02 -7.25 -25.98
C PRO A 167 11.85 -8.05 -25.00
N SER A 168 12.48 -7.33 -24.07
CA SER A 168 13.39 -7.98 -23.13
C SER A 168 12.68 -9.03 -22.27
N CYS A 169 11.39 -8.83 -21.98
CA CYS A 169 10.61 -9.79 -21.22
C CYS A 169 9.25 -10.00 -21.90
N GLN A 170 8.73 -11.23 -21.79
CA GLN A 170 7.38 -11.47 -22.31
C GLN A 170 6.34 -10.65 -21.56
N ASP A 171 6.58 -10.38 -20.29
CA ASP A 171 5.68 -9.53 -19.51
C ASP A 171 6.08 -8.08 -19.77
N THR A 172 5.47 -7.49 -20.80
CA THR A 172 5.73 -6.10 -21.14
C THR A 172 5.02 -5.12 -20.20
N GLY A 173 4.37 -5.63 -19.15
CA GLY A 173 4.06 -4.85 -17.97
C GLY A 173 2.77 -4.05 -18.05
N THR A 174 2.44 -3.46 -16.92
CA THR A 174 1.44 -2.41 -16.83
C THR A 174 2.07 -1.07 -17.21
N ALA A 175 1.38 -0.28 -18.02
CA ALA A 175 1.87 1.05 -18.37
C ALA A 175 1.49 2.03 -17.25
N ILE A 176 2.50 2.57 -16.58
CA ILE A 176 2.33 3.54 -15.51
C ILE A 176 2.97 4.86 -15.95
N VAL A 177 2.23 5.95 -15.77
CA VAL A 177 2.72 7.29 -16.08
C VAL A 177 2.60 8.14 -14.82
N LEU A 178 3.74 8.63 -14.34
CA LEU A 178 3.75 9.71 -13.37
C LEU A 178 4.04 11.00 -14.14
N GLY A 179 3.08 11.91 -14.15
CA GLY A 179 3.19 13.15 -14.89
C GLY A 179 3.11 14.34 -13.95
N LYS A 180 3.88 15.38 -14.25
CA LYS A 180 3.89 16.60 -13.44
C LYS A 180 3.67 17.77 -14.39
N ARG A 181 2.44 18.27 -14.46
CA ARG A 181 2.08 19.34 -15.38
C ARG A 181 2.15 20.67 -14.65
N GLY A 182 2.96 21.58 -15.17
CA GLY A 182 3.08 22.88 -14.56
C GLY A 182 1.79 23.68 -14.63
N GLU A 183 1.64 24.58 -13.65
CA GLU A 183 0.46 25.44 -13.57
C GLU A 183 0.18 26.12 -14.90
N LEU A 184 1.23 26.52 -15.62
CA LEU A 184 1.10 27.26 -16.86
C LEU A 184 1.51 26.42 -18.07
N CYS A 185 1.38 25.10 -17.96
CA CYS A 185 1.55 24.18 -19.08
C CYS A 185 0.16 23.79 -19.55
N TRP A 186 -0.22 24.24 -20.74
CA TRP A 186 -1.57 24.09 -21.26
C TRP A 186 -1.60 23.11 -22.43
N THR A 187 -2.25 21.98 -22.18
CA THR A 187 -2.36 20.87 -23.12
C THR A 187 -3.74 20.76 -23.75
N GLY A 188 -4.73 21.53 -23.29
CA GLY A 188 -6.11 21.29 -23.61
C GLY A 188 -6.84 20.41 -22.62
N GLY A 189 -6.12 19.76 -21.70
CA GLY A 189 -6.74 19.06 -20.59
C GLY A 189 -7.07 17.61 -20.82
N GLU A 190 -6.95 17.10 -22.05
CA GLU A 190 -7.28 15.71 -22.35
C GLU A 190 -6.07 14.79 -22.25
N ASP A 191 -5.23 15.04 -21.23
CA ASP A 191 -3.93 14.36 -21.15
C ASP A 191 -4.08 12.84 -21.09
N GLU A 192 -5.06 12.35 -20.33
N GLU A 192 -5.06 12.35 -20.33
CA GLU A 192 -5.18 10.91 -20.14
CA GLU A 192 -5.18 10.91 -20.13
C GLU A 192 -5.51 10.20 -21.44
C GLU A 192 -5.53 10.19 -21.44
N LYS A 193 -6.41 10.77 -22.24
CA LYS A 193 -6.77 10.14 -23.51
C LYS A 193 -5.58 10.12 -24.46
N TYR A 194 -4.85 11.23 -24.56
CA TYR A 194 -3.73 11.30 -25.48
C TYR A 194 -2.56 10.43 -25.03
N LEU A 195 -2.29 10.41 -23.72
CA LEU A 195 -1.26 9.50 -23.22
C LEU A 195 -1.66 8.06 -23.46
N SER A 196 -2.93 7.72 -23.21
CA SER A 196 -3.41 6.35 -23.42
C SER A 196 -3.33 5.95 -24.88
N LYS A 197 -3.58 6.89 -25.80
CA LYS A 197 -3.48 6.57 -27.22
C LYS A 197 -2.05 6.22 -27.60
N GLY A 198 -1.07 6.93 -27.03
CA GLY A 198 0.32 6.61 -27.30
C GLY A 198 0.72 5.27 -26.74
N ILE A 199 0.23 4.95 -25.54
CA ILE A 199 0.44 3.62 -24.95
C ILE A 199 -0.23 2.56 -25.82
N TRP A 200 -1.48 2.82 -26.22
CA TRP A 200 -2.19 1.90 -27.10
C TRP A 200 -1.37 1.62 -28.36
N ASN A 201 -0.82 2.68 -28.98
CA ASN A 201 0.01 2.51 -30.17
C ASN A 201 1.20 1.61 -29.91
N ALA A 202 1.92 1.85 -28.81
CA ALA A 202 3.13 1.08 -28.53
C ALA A 202 2.82 -0.41 -28.41
N TYR A 203 1.75 -0.76 -27.70
CA TYR A 203 1.45 -2.17 -27.50
C TYR A 203 0.74 -2.79 -28.71
N ARG A 204 0.04 -1.98 -29.50
CA ARG A 204 -0.64 -2.52 -30.67
C ARG A 204 0.33 -2.76 -31.82
N TYR A 205 1.22 -1.82 -32.08
CA TYR A 205 2.03 -1.84 -33.28
C TYR A 205 3.43 -2.39 -33.06
N HIS A 206 3.72 -2.95 -31.89
CA HIS A 206 4.99 -3.59 -31.60
C HIS A 206 4.72 -4.98 -31.04
N ASN A 207 5.78 -5.78 -30.93
CA ASN A 207 5.66 -7.19 -30.52
C ASN A 207 5.64 -7.33 -29.00
N LEU A 208 4.69 -6.63 -28.39
CA LEU A 208 4.53 -6.64 -26.94
C LEU A 208 3.38 -7.58 -26.56
N ARG A 209 2.83 -7.41 -25.36
CA ARG A 209 1.80 -8.31 -24.86
C ARG A 209 0.67 -7.52 -24.22
N TYR A 210 -0.55 -8.05 -24.36
CA TYR A 210 -1.73 -7.47 -23.72
C TYR A 210 -1.92 -8.18 -22.38
N SER A 211 -1.60 -7.49 -21.29
CA SER A 211 -1.53 -8.11 -19.97
C SER A 211 -2.65 -7.70 -19.02
N GLN A 212 -3.53 -6.79 -19.41
CA GLN A 212 -4.53 -6.25 -18.48
C GLN A 212 -5.80 -7.09 -18.51
N THR A 213 -6.32 -7.39 -17.32
CA THR A 213 -7.48 -8.27 -17.14
C THR A 213 -8.63 -7.43 -16.60
N ALA A 214 -9.69 -7.31 -17.39
CA ALA A 214 -10.86 -6.55 -16.99
C ALA A 214 -11.83 -7.45 -16.23
N ALA A 215 -12.45 -6.89 -15.19
CA ALA A 215 -13.47 -7.58 -14.42
C ALA A 215 -14.83 -7.16 -14.93
N LEU A 216 -15.53 -8.08 -15.59
CA LEU A 216 -16.90 -7.82 -16.03
C LEU A 216 -17.88 -7.86 -14.87
N ASP A 217 -17.65 -8.76 -13.92
CA ASP A 217 -18.25 -8.65 -12.59
C ASP A 217 -17.15 -9.05 -11.62
N MET A 218 -17.51 -9.38 -10.37
CA MET A 218 -16.50 -9.67 -9.36
C MET A 218 -15.54 -10.76 -9.80
N PHE A 219 -16.06 -11.79 -10.48
CA PHE A 219 -15.27 -12.96 -10.83
C PHE A 219 -15.14 -13.21 -12.34
N LYS A 220 -16.06 -12.73 -13.17
CA LYS A 220 -15.97 -12.93 -14.61
C LYS A 220 -14.98 -11.94 -15.21
N GLU A 221 -13.97 -12.44 -15.92
CA GLU A 221 -12.89 -11.58 -16.40
C GLU A 221 -12.67 -11.79 -17.90
N CYS A 222 -12.07 -10.79 -18.53
CA CYS A 222 -11.58 -10.93 -19.89
C CYS A 222 -10.37 -10.03 -20.08
N ASN A 223 -9.50 -10.42 -21.00
CA ASN A 223 -8.38 -9.57 -21.36
C ASN A 223 -8.88 -8.35 -22.14
N THR A 224 -8.30 -7.18 -21.86
CA THR A 224 -8.73 -5.98 -22.57
C THR A 224 -8.25 -5.95 -24.01
N GLY A 225 -7.25 -6.77 -24.35
CA GLY A 225 -6.80 -6.87 -25.72
C GLY A 225 -5.93 -5.74 -26.21
N ASP A 226 -5.54 -4.81 -25.34
CA ASP A 226 -4.71 -3.70 -25.79
C ASP A 226 -3.77 -3.18 -24.72
N ASN A 227 -3.65 -3.86 -23.58
CA ASN A 227 -2.83 -3.47 -22.43
C ASN A 227 -3.29 -2.17 -21.78
N LEU A 228 -4.50 -1.75 -22.04
CA LEU A 228 -5.15 -0.70 -21.27
C LEU A 228 -6.10 -1.31 -20.26
N PRO A 229 -6.46 -0.58 -19.19
CA PRO A 229 -6.09 0.80 -18.85
C PRO A 229 -4.69 0.96 -18.31
N ALA A 230 -4.15 2.16 -18.48
CA ALA A 230 -2.89 2.55 -17.87
C ALA A 230 -3.15 3.16 -16.49
N GLN A 231 -2.10 3.21 -15.68
CA GLN A 231 -2.13 3.97 -14.44
C GLN A 231 -1.56 5.36 -14.73
N LEU A 232 -2.41 6.38 -14.62
CA LEU A 232 -2.09 7.74 -15.05
C LEU A 232 -2.16 8.68 -13.85
N ASP A 233 -1.02 8.91 -13.20
N ASP A 233 -1.02 8.90 -13.20
CA ASP A 233 -0.95 9.77 -12.03
CA ASP A 233 -0.94 9.77 -12.02
C ASP A 233 -0.38 11.12 -12.46
C ASP A 233 -0.38 11.11 -12.48
N LEU A 234 -1.28 12.06 -12.75
CA LEU A 234 -0.90 13.38 -13.26
C LEU A 234 -1.04 14.41 -12.15
N LEU A 235 0.08 14.99 -11.76
CA LEU A 235 0.18 15.92 -10.63
C LEU A 235 0.24 17.37 -11.11
N ALA A 236 -0.25 18.28 -10.28
CA ALA A 236 -0.19 19.71 -10.54
C ALA A 236 0.99 20.32 -9.79
N VAL A 237 1.89 20.97 -10.53
CA VAL A 237 3.16 21.46 -9.97
C VAL A 237 3.40 22.89 -10.46
N PRO A 238 4.36 23.63 -9.89
CA PRO A 238 4.66 24.97 -10.39
C PRO A 238 5.27 24.94 -11.78
N GLY A 239 5.20 26.09 -12.46
CA GLY A 239 5.95 26.30 -13.68
C GLY A 239 5.12 26.10 -14.94
N SER A 240 5.84 25.88 -16.05
CA SER A 240 5.21 25.79 -17.36
C SER A 240 5.71 24.60 -18.17
N ASP A 241 6.39 23.64 -17.54
CA ASP A 241 6.84 22.44 -18.23
C ASP A 241 5.93 21.25 -17.89
N TYR A 242 6.26 20.12 -18.49
CA TYR A 242 5.57 18.85 -18.25
C TYR A 242 6.64 17.78 -18.08
N GLU A 243 6.76 17.22 -16.88
CA GLU A 243 7.78 16.22 -16.58
C GLU A 243 7.13 14.87 -16.31
N PHE A 244 7.83 13.80 -16.67
CA PHE A 244 7.28 12.46 -16.68
C PHE A 244 8.27 11.44 -16.16
N LEU A 245 7.74 10.41 -15.50
CA LEU A 245 8.41 9.13 -15.35
C LEU A 245 7.48 8.07 -15.92
N PHE A 246 7.93 7.34 -16.93
CA PHE A 246 7.18 6.23 -17.49
C PHE A 246 7.73 4.93 -16.94
N ILE A 247 6.85 4.03 -16.50
CA ILE A 247 7.25 2.74 -15.96
C ILE A 247 6.48 1.64 -16.67
N ALA A 248 7.20 0.67 -17.24
CA ALA A 248 6.59 -0.55 -17.77
C ALA A 248 6.79 -1.62 -16.70
N LYS A 249 5.82 -1.73 -15.80
CA LYS A 249 6.00 -2.46 -14.55
C LYS A 249 5.54 -3.91 -14.70
N GLY A 250 6.49 -4.83 -14.56
CA GLY A 250 6.13 -6.24 -14.62
C GLY A 250 5.24 -6.65 -13.46
N GLY A 251 4.36 -7.61 -13.74
CA GLY A 251 3.48 -8.10 -12.69
C GLY A 251 4.24 -8.79 -11.58
N GLY A 252 5.32 -9.49 -11.93
CA GLY A 252 6.06 -10.24 -10.91
C GLY A 252 6.69 -9.35 -9.86
N SER A 253 7.31 -8.24 -10.29
CA SER A 253 7.87 -7.30 -9.34
C SER A 253 6.79 -6.44 -8.67
N ALA A 254 5.70 -6.18 -9.38
CA ALA A 254 4.58 -5.48 -8.75
C ALA A 254 4.03 -6.28 -7.57
N ASN A 255 4.05 -7.62 -7.70
CA ASN A 255 3.59 -8.49 -6.62
C ASN A 255 4.50 -8.44 -5.41
N LYS A 256 5.76 -8.07 -5.59
CA LYS A 256 6.72 -7.98 -4.49
C LYS A 256 6.82 -6.56 -3.96
N ALA A 257 5.69 -5.86 -3.90
CA ALA A 257 5.56 -4.58 -3.21
C ALA A 257 4.73 -4.86 -1.95
N TYR A 258 5.36 -4.78 -0.79
CA TYR A 258 4.76 -5.20 0.46
C TYR A 258 4.63 -4.01 1.40
N LEU A 259 3.51 -3.97 2.12
CA LEU A 259 3.24 -2.96 3.13
C LEU A 259 3.18 -3.64 4.50
N TYR A 260 3.93 -3.11 5.46
CA TYR A 260 3.90 -3.60 6.83
C TYR A 260 3.46 -2.47 7.74
N GLN A 261 2.60 -2.79 8.71
CA GLN A 261 2.16 -1.83 9.72
C GLN A 261 2.93 -2.12 10.99
N GLU A 262 3.94 -1.30 11.28
CA GLU A 262 4.85 -1.52 12.39
C GLU A 262 4.64 -0.46 13.48
N THR A 263 5.55 -0.43 14.46
CA THR A 263 5.45 0.48 15.59
C THR A 263 6.83 1.03 15.94
N LYS A 264 6.81 1.97 16.89
CA LYS A 264 8.05 2.51 17.45
C LYS A 264 8.99 1.42 17.94
N ALA A 265 8.45 0.26 18.35
CA ALA A 265 9.31 -0.83 18.83
C ALA A 265 10.27 -1.32 17.74
N LEU A 266 9.95 -1.09 16.47
CA LEU A 266 10.86 -1.45 15.37
C LEU A 266 12.06 -0.51 15.29
N LEU A 267 11.93 0.72 15.79
CA LEU A 267 12.87 1.80 15.45
C LEU A 267 14.06 1.79 16.42
N ASN A 268 14.85 0.73 16.30
CA ASN A 268 16.14 0.61 16.97
C ASN A 268 17.01 -0.29 16.12
N PRO A 269 18.34 -0.18 16.25
CA PRO A 269 19.22 -0.90 15.29
C PRO A 269 19.02 -2.40 15.27
N LYS A 270 18.88 -3.04 16.44
CA LYS A 270 18.76 -4.49 16.47
C LYS A 270 17.46 -4.95 15.83
N SER A 271 16.35 -4.30 16.19
CA SER A 271 15.05 -4.70 15.65
C SER A 271 14.96 -4.48 14.15
N LEU A 272 15.45 -3.33 13.66
CA LEU A 272 15.36 -3.02 12.24
C LEU A 272 16.20 -3.99 11.41
N ARG A 273 17.39 -4.35 11.90
CA ARG A 273 18.23 -5.28 11.15
C ARG A 273 17.59 -6.65 11.03
N ALA A 274 17.06 -7.17 12.15
CA ALA A 274 16.37 -8.46 12.10
C ALA A 274 15.13 -8.39 11.21
N PHE A 275 14.43 -7.26 11.24
CA PHE A 275 13.27 -7.06 10.38
C PHE A 275 13.67 -7.17 8.91
N ILE A 276 14.76 -6.51 8.54
CA ILE A 276 15.21 -6.51 7.15
C ILE A 276 15.59 -7.92 6.71
N GLU A 277 16.34 -8.64 7.55
CA GLU A 277 16.73 -10.00 7.22
C GLU A 277 15.51 -10.89 7.01
N GLU A 278 14.49 -10.70 7.82
CA GLU A 278 13.27 -11.51 7.73
C GLU A 278 12.51 -11.20 6.44
N LYS A 279 12.28 -9.93 6.13
CA LYS A 279 11.42 -9.58 5.01
C LYS A 279 12.11 -9.80 3.66
N LEU A 280 13.43 -9.61 3.57
CA LEU A 280 14.11 -9.83 2.29
C LEU A 280 13.90 -11.27 1.81
N LYS A 281 13.88 -12.23 2.74
CA LYS A 281 13.66 -13.63 2.38
C LYS A 281 12.29 -13.84 1.76
N THR A 282 11.29 -13.07 2.20
CA THR A 282 9.95 -13.22 1.66
C THR A 282 9.86 -12.71 0.22
N LEU A 283 10.85 -11.95 -0.23
CA LEU A 283 10.93 -11.62 -1.65
C LEU A 283 11.28 -12.86 -2.47
N GLY A 284 12.11 -13.74 -1.92
CA GLY A 284 12.58 -14.93 -2.60
C GLY A 284 13.19 -14.60 -3.94
N THR A 285 13.09 -15.56 -4.86
CA THR A 285 13.50 -15.37 -6.24
C THR A 285 12.32 -15.17 -7.17
N ALA A 286 11.12 -14.88 -6.63
CA ALA A 286 9.90 -14.86 -7.42
C ALA A 286 9.77 -13.65 -8.33
N ALA A 287 10.64 -12.65 -8.19
CA ALA A 287 10.60 -11.50 -9.10
C ALA A 287 11.90 -11.34 -9.87
N CYS A 288 12.57 -12.46 -10.19
CA CYS A 288 13.73 -12.50 -11.07
C CYS A 288 14.86 -11.58 -10.60
N PRO A 289 15.49 -11.86 -9.46
CA PRO A 289 16.67 -11.08 -9.04
C PRO A 289 17.80 -11.26 -10.03
N PRO A 290 18.89 -10.47 -9.95
CA PRO A 290 19.26 -9.38 -9.02
C PRO A 290 18.23 -8.26 -8.94
N TYR A 291 17.92 -7.85 -7.71
CA TYR A 291 16.91 -6.83 -7.45
C TYR A 291 17.55 -5.46 -7.26
N HIS A 292 16.82 -4.44 -7.70
CA HIS A 292 16.94 -3.12 -7.08
C HIS A 292 15.97 -3.11 -5.91
N ILE A 293 16.49 -3.07 -4.68
CA ILE A 293 15.69 -3.19 -3.46
C ILE A 293 15.43 -1.81 -2.89
N ALA A 294 14.16 -1.49 -2.67
CA ALA A 294 13.75 -0.23 -2.05
C ALA A 294 13.06 -0.50 -0.72
N LEU A 295 13.43 0.26 0.31
CA LEU A 295 12.85 0.15 1.63
C LEU A 295 12.48 1.53 2.13
N VAL A 296 11.24 1.71 2.53
CA VAL A 296 10.75 3.00 3.02
C VAL A 296 10.23 2.81 4.45
N ILE A 297 10.84 3.53 5.38
CA ILE A 297 10.52 3.46 6.81
C ILE A 297 9.74 4.73 7.16
N GLY A 298 8.48 4.57 7.53
CA GLY A 298 7.62 5.71 7.86
C GLY A 298 6.73 6.10 6.70
N GLY A 299 6.05 7.22 6.88
CA GLY A 299 5.15 7.75 5.85
C GLY A 299 3.87 8.29 6.46
N THR A 300 3.22 9.19 5.72
CA THR A 300 2.01 9.85 6.20
C THR A 300 0.76 9.02 5.98
N SER A 301 0.86 7.93 5.22
CA SER A 301 -0.23 6.98 5.00
C SER A 301 0.33 5.79 4.26
N ALA A 302 -0.44 4.70 4.27
CA ALA A 302 -0.02 3.49 3.56
C ALA A 302 0.24 3.78 2.09
N GLU A 303 -0.70 4.50 1.45
CA GLU A 303 -0.57 4.75 0.01
C GLU A 303 0.62 5.64 -0.29
N MET A 304 0.92 6.58 0.61
CA MET A 304 2.09 7.43 0.41
C MET A 304 3.37 6.63 0.60
N THR A 305 3.40 5.73 1.58
CA THR A 305 4.56 4.87 1.77
C THR A 305 4.79 3.98 0.54
N MET A 306 3.70 3.41 -0.01
CA MET A 306 3.86 2.49 -1.13
C MET A 306 4.22 3.23 -2.42
N LYS A 307 3.69 4.43 -2.61
CA LYS A 307 4.12 5.24 -3.75
C LYS A 307 5.60 5.58 -3.64
N THR A 308 6.05 5.93 -2.44
CA THR A 308 7.44 6.31 -2.25
C THR A 308 8.37 5.13 -2.52
N VAL A 309 8.02 3.93 -2.05
CA VAL A 309 8.90 2.80 -2.26
C VAL A 309 8.94 2.40 -3.73
N LYS A 310 7.83 2.57 -4.45
CA LYS A 310 7.85 2.35 -5.90
C LYS A 310 8.84 3.30 -6.57
N LEU A 311 8.74 4.60 -6.26
CA LEU A 311 9.60 5.59 -6.89
C LEU A 311 11.06 5.38 -6.48
N ALA A 312 11.29 5.00 -5.21
CA ALA A 312 12.64 4.67 -4.79
C ALA A 312 13.22 3.55 -5.63
N SER A 313 12.43 2.51 -5.93
CA SER A 313 12.92 1.38 -6.70
C SER A 313 13.27 1.77 -8.13
N CYS A 314 12.69 2.86 -8.63
CA CYS A 314 13.01 3.42 -9.94
C CYS A 314 14.17 4.41 -9.89
N ARG A 315 14.82 4.53 -8.73
CA ARG A 315 15.89 5.50 -8.49
C ARG A 315 15.45 6.93 -8.76
N TYR A 316 14.15 7.18 -8.60
CA TYR A 316 13.58 8.53 -8.78
C TYR A 316 13.98 9.49 -7.67
N TYR A 317 14.33 8.99 -6.48
CA TYR A 317 14.63 9.83 -5.33
C TYR A 317 16.11 9.80 -4.95
N ASP A 318 16.99 9.50 -5.91
CA ASP A 318 18.39 9.33 -5.58
C ASP A 318 19.04 10.62 -5.08
N SER A 319 18.51 11.80 -5.43
CA SER A 319 19.12 13.06 -5.03
C SER A 319 18.51 13.65 -3.76
N LEU A 320 17.71 12.88 -3.02
CA LEU A 320 17.18 13.35 -1.75
C LEU A 320 18.32 13.68 -0.79
N PRO A 321 18.08 14.56 0.19
CA PRO A 321 19.08 14.76 1.24
C PRO A 321 19.34 13.46 1.98
N THR A 322 20.47 13.43 2.71
CA THR A 322 20.85 12.24 3.46
C THR A 322 20.76 12.45 4.96
N THR A 323 20.17 13.54 5.41
CA THR A 323 19.95 13.80 6.82
C THR A 323 18.53 14.34 7.00
N GLY A 324 17.92 14.00 8.14
CA GLY A 324 16.63 14.55 8.49
C GLY A 324 16.75 15.90 9.18
N ASP A 325 15.61 16.50 9.48
CA ASP A 325 15.58 17.74 10.24
C ASP A 325 14.30 17.78 11.06
N LYS A 326 14.14 18.85 11.84
CA LYS A 326 13.02 18.94 12.77
C LYS A 326 11.70 19.23 12.08
N TYR A 327 11.71 19.46 10.77
CA TYR A 327 10.49 19.65 10.00
C TYR A 327 10.02 18.37 9.35
N GLY A 328 10.76 17.27 9.52
CA GLY A 328 10.30 15.98 9.05
C GLY A 328 10.54 15.68 7.59
N ARG A 329 11.55 16.30 6.97
CA ARG A 329 11.79 16.04 5.56
C ARG A 329 12.27 14.61 5.34
N ALA A 330 11.90 14.07 4.18
CA ALA A 330 12.39 12.75 3.79
C ALA A 330 13.90 12.79 3.57
N PHE A 331 14.56 11.66 3.83
CA PHE A 331 15.96 11.58 3.47
C PHE A 331 16.34 10.15 3.10
N ARG A 332 17.31 10.05 2.20
N ARG A 332 17.33 10.06 2.22
CA ARG A 332 17.95 8.78 1.90
CA ARG A 332 18.00 8.82 1.90
C ARG A 332 18.95 8.45 3.01
C ARG A 332 18.95 8.45 3.02
N ASP A 333 19.03 7.16 3.36
CA ASP A 333 19.91 6.69 4.43
C ASP A 333 20.98 5.75 3.86
N PRO A 334 22.15 6.28 3.48
CA PRO A 334 23.19 5.41 2.89
C PRO A 334 23.70 4.33 3.84
N GLU A 335 23.77 4.60 5.14
CA GLU A 335 24.23 3.59 6.08
C GLU A 335 23.32 2.37 6.04
N TRP A 336 22.01 2.58 6.03
CA TRP A 336 21.11 1.44 6.02
C TRP A 336 20.96 0.83 4.64
N GLU A 337 21.23 1.59 3.57
CA GLU A 337 21.37 0.98 2.26
C GLU A 337 22.50 -0.04 2.27
N LYS A 338 23.63 0.31 2.88
CA LYS A 338 24.74 -0.62 2.98
C LYS A 338 24.38 -1.84 3.79
N ILE A 339 23.59 -1.65 4.86
CA ILE A 339 23.17 -2.81 5.67
C ILE A 339 22.23 -3.70 4.86
N VAL A 340 21.32 -3.11 4.09
CA VAL A 340 20.45 -3.92 3.24
C VAL A 340 21.28 -4.74 2.24
N MET A 341 22.29 -4.11 1.63
CA MET A 341 23.14 -4.82 0.68
C MET A 341 23.94 -5.93 1.37
N GLU A 342 24.42 -5.67 2.58
CA GLU A 342 25.14 -6.69 3.34
C GLU A 342 24.22 -7.87 3.67
N VAL A 343 22.99 -7.58 4.09
CA VAL A 343 22.01 -8.64 4.34
C VAL A 343 21.73 -9.42 3.06
N ALA A 344 21.57 -8.71 1.94
CA ALA A 344 21.29 -9.36 0.67
C ALA A 344 22.42 -10.30 0.28
N GLN A 345 23.67 -9.87 0.45
CA GLN A 345 24.79 -10.67 0.01
C GLN A 345 24.99 -11.88 0.92
N LYS A 346 24.91 -11.68 2.24
CA LYS A 346 25.10 -12.77 3.18
C LYS A 346 23.93 -13.74 3.22
N SER A 347 22.78 -13.37 2.63
CA SER A 347 21.64 -14.30 2.61
C SER A 347 21.95 -15.57 1.84
N GLY A 348 22.89 -15.52 0.90
CA GLY A 348 23.17 -16.65 0.04
C GLY A 348 22.13 -16.93 -1.03
N ILE A 349 21.08 -16.11 -1.13
CA ILE A 349 20.02 -16.37 -2.11
C ILE A 349 20.55 -16.24 -3.53
N GLY A 350 21.37 -15.22 -3.78
CA GLY A 350 22.06 -15.09 -5.05
C GLY A 350 21.17 -14.61 -6.16
N ALA A 351 21.75 -14.57 -7.36
CA ALA A 351 21.03 -14.22 -8.58
C ALA A 351 20.23 -15.43 -9.07
N GLN A 352 19.16 -15.72 -8.31
CA GLN A 352 18.12 -16.71 -8.60
C GLN A 352 18.45 -18.13 -8.14
N PHE A 353 19.71 -18.52 -8.07
CA PHE A 353 20.02 -19.93 -7.80
C PHE A 353 21.21 -20.08 -6.84
N GLY A 354 21.27 -19.22 -5.83
CA GLY A 354 22.31 -19.34 -4.82
C GLY A 354 23.55 -18.54 -5.17
N GLY A 355 24.01 -17.72 -4.24
CA GLY A 355 25.22 -16.95 -4.47
C GLY A 355 25.17 -15.63 -3.72
N LYS A 356 25.86 -14.64 -4.29
CA LYS A 356 26.03 -13.33 -3.67
C LYS A 356 25.11 -12.26 -4.24
N TYR A 357 24.62 -12.42 -5.47
CA TYR A 357 24.03 -11.30 -6.18
C TYR A 357 22.50 -11.31 -6.17
N PHE A 358 21.96 -11.45 -4.96
CA PHE A 358 20.54 -11.23 -4.73
C PHE A 358 20.11 -9.82 -5.14
N ALA A 359 20.99 -8.83 -4.95
CA ALA A 359 20.63 -7.43 -5.16
C ALA A 359 21.69 -6.71 -6.00
N HIS A 360 21.20 -5.87 -6.92
CA HIS A 360 22.05 -4.91 -7.62
C HIS A 360 22.53 -3.81 -6.67
N GLN A 361 21.59 -3.23 -5.93
CA GLN A 361 21.82 -2.02 -5.14
C GLN A 361 20.56 -1.83 -4.28
N ALA A 362 20.66 -0.92 -3.32
CA ALA A 362 19.57 -0.68 -2.40
C ALA A 362 19.29 0.81 -2.25
N ARG A 363 18.02 1.12 -1.99
CA ARG A 363 17.59 2.47 -1.68
C ARG A 363 16.78 2.42 -0.38
N VAL A 364 17.15 3.25 0.59
CA VAL A 364 16.43 3.34 1.86
C VAL A 364 16.04 4.79 2.10
N ILE A 365 14.75 5.04 2.23
CA ILE A 365 14.23 6.38 2.47
C ILE A 365 13.52 6.39 3.81
N ARG A 366 13.87 7.33 4.67
CA ARG A 366 13.23 7.51 5.95
C ARG A 366 12.23 8.66 5.83
N LEU A 367 11.00 8.42 6.26
CA LEU A 367 9.90 9.36 6.14
C LEU A 367 9.39 9.75 7.52
N PRO A 368 8.72 10.89 7.64
CA PRO A 368 8.03 11.24 8.89
C PRO A 368 6.84 10.31 9.12
N ARG A 369 6.33 10.33 10.36
CA ARG A 369 5.25 9.44 10.72
C ARG A 369 4.38 10.07 11.81
N HIS A 370 3.10 9.71 11.78
CA HIS A 370 2.22 9.95 12.91
C HIS A 370 2.75 9.21 14.12
N GLY A 371 2.67 9.85 15.30
CA GLY A 371 3.20 9.24 16.51
C GLY A 371 2.69 7.84 16.77
N ALA A 372 1.45 7.54 16.35
CA ALA A 372 0.84 6.23 16.57
C ALA A 372 1.09 5.23 15.44
N SER A 373 1.82 5.61 14.39
CA SER A 373 1.89 4.81 13.18
C SER A 373 3.33 4.60 12.76
N CYS A 374 3.59 3.49 12.06
CA CYS A 374 4.86 3.28 11.36
C CYS A 374 4.64 2.35 10.18
N PRO A 375 4.08 2.87 9.09
CA PRO A 375 4.02 2.07 7.86
C PRO A 375 5.44 1.86 7.34
N VAL A 376 5.66 0.70 6.73
CA VAL A 376 6.94 0.34 6.14
C VAL A 376 6.65 -0.27 4.78
N GLY A 377 7.41 0.15 3.78
CA GLY A 377 7.24 -0.35 2.41
C GLY A 377 8.50 -1.04 1.93
N LEU A 378 8.33 -2.18 1.27
CA LEU A 378 9.42 -2.93 0.66
C LEU A 378 9.01 -3.28 -0.76
N ALA A 379 9.88 -2.99 -1.72
CA ALA A 379 9.57 -3.27 -3.12
C ALA A 379 10.87 -3.47 -3.89
N VAL A 380 10.75 -4.12 -5.06
CA VAL A 380 11.90 -4.39 -5.89
C VAL A 380 11.60 -3.93 -7.31
N SER A 381 12.67 -3.59 -8.04
CA SER A 381 12.63 -3.60 -9.49
C SER A 381 13.32 -4.87 -9.96
N CYS A 382 12.70 -5.57 -10.91
CA CYS A 382 13.14 -6.89 -11.33
C CYS A 382 14.14 -6.80 -12.47
N SER A 383 14.49 -7.95 -13.05
CA SER A 383 15.41 -7.99 -14.18
C SER A 383 14.90 -7.17 -15.35
N ALA A 384 13.58 -7.11 -15.53
CA ALA A 384 12.97 -6.22 -16.52
C ALA A 384 12.82 -4.83 -15.89
N ASP A 385 13.96 -4.21 -15.66
CA ASP A 385 14.05 -2.89 -15.03
C ASP A 385 13.73 -1.84 -16.10
N ARG A 386 12.49 -1.33 -16.10
CA ARG A 386 11.97 -0.55 -17.22
C ARG A 386 11.32 0.74 -16.72
N GLN A 387 12.07 1.83 -16.77
CA GLN A 387 11.51 3.15 -16.54
C GLN A 387 12.23 4.15 -17.44
N ILE A 388 11.54 5.23 -17.80
CA ILE A 388 12.09 6.25 -18.69
C ILE A 388 11.63 7.62 -18.20
N LEU A 389 12.58 8.51 -17.95
CA LEU A 389 12.25 9.89 -17.64
C LEU A 389 12.04 10.67 -18.94
N ALA A 390 11.24 11.72 -18.86
CA ALA A 390 11.00 12.56 -20.04
C ALA A 390 10.49 13.91 -19.58
N HIS A 391 10.54 14.89 -20.49
CA HIS A 391 9.92 16.17 -20.21
C HIS A 391 9.61 16.88 -21.52
N ILE A 392 8.60 17.74 -21.46
CA ILE A 392 8.25 18.62 -22.56
C ILE A 392 8.49 20.05 -22.09
N ASN A 393 9.21 20.81 -22.90
CA ASN A 393 9.50 22.21 -22.57
C ASN A 393 9.44 23.02 -23.87
N LYS A 394 9.91 24.26 -23.81
CA LYS A 394 9.78 25.15 -24.96
C LYS A 394 10.62 24.69 -26.16
N SER A 395 11.59 23.80 -25.96
CA SER A 395 12.39 23.32 -27.08
C SER A 395 11.84 22.03 -27.69
N GLY A 396 10.87 21.39 -27.04
CA GLY A 396 10.25 20.19 -27.57
C GLY A 396 10.14 19.04 -26.58
N ILE A 397 10.22 17.82 -27.09
CA ILE A 397 10.02 16.59 -26.32
C ILE A 397 11.38 15.94 -26.11
N TYR A 398 11.73 15.71 -24.85
CA TYR A 398 12.99 15.09 -24.48
C TYR A 398 12.72 13.77 -23.78
N ILE A 399 13.48 12.74 -24.16
N ILE A 399 13.47 12.74 -24.16
CA ILE A 399 13.28 11.39 -23.65
CA ILE A 399 13.29 11.38 -23.66
C ILE A 399 14.62 10.85 -23.16
C ILE A 399 14.62 10.86 -23.16
N GLU A 400 14.61 10.24 -21.98
CA GLU A 400 15.82 9.67 -21.40
C GLU A 400 16.49 8.71 -22.37
N GLN A 401 17.80 8.87 -22.54
CA GLN A 401 18.59 8.02 -23.41
C GLN A 401 19.06 6.79 -22.63
N LEU A 402 18.65 5.60 -23.09
CA LEU A 402 19.07 4.36 -22.48
C LEU A 402 20.27 3.77 -23.24
N GLU A 403 20.82 2.69 -22.71
CA GLU A 403 22.04 2.15 -23.29
C GLU A 403 21.69 1.27 -24.49
N GLN A 404 22.16 1.69 -25.67
CA GLN A 404 21.80 1.00 -26.90
C GLN A 404 22.82 -0.06 -27.31
N ASN A 405 23.96 -0.15 -26.62
CA ASN A 405 24.98 -1.16 -26.86
C ASN A 405 25.27 -1.93 -25.57
N PRO A 406 24.33 -2.78 -25.13
CA PRO A 406 24.59 -3.55 -23.90
C PRO A 406 25.74 -4.55 -24.04
N ALA A 407 26.12 -4.90 -25.28
CA ALA A 407 27.17 -5.90 -25.46
C ALA A 407 28.50 -5.47 -24.86
N GLN A 408 28.74 -4.17 -24.71
CA GLN A 408 29.97 -3.70 -24.11
C GLN A 408 30.10 -4.10 -22.65
N TYR A 409 29.00 -4.43 -22.00
CA TYR A 409 29.03 -4.85 -20.60
C TYR A 409 29.30 -6.33 -20.43
N LEU A 410 29.36 -7.09 -21.51
CA LEU A 410 29.63 -8.52 -21.44
C LEU A 410 31.13 -8.76 -21.45
N PRO A 411 31.69 -9.41 -20.43
CA PRO A 411 33.13 -9.75 -20.41
C PRO A 411 33.47 -10.89 -21.35
N THR A 421 28.74 -28.19 -16.59
CA THR A 421 27.99 -28.99 -17.54
C THR A 421 26.50 -29.06 -17.16
N SER A 422 25.71 -29.73 -18.00
CA SER A 422 24.29 -29.88 -17.75
C SER A 422 23.82 -31.21 -18.31
N VAL A 423 22.63 -31.63 -17.87
CA VAL A 423 22.07 -32.93 -18.21
C VAL A 423 21.05 -32.75 -19.33
N LYS A 424 21.24 -33.48 -20.43
CA LYS A 424 20.32 -33.45 -21.55
C LYS A 424 19.09 -34.30 -21.22
N VAL A 425 17.91 -33.68 -21.25
CA VAL A 425 16.66 -34.37 -20.91
C VAL A 425 15.77 -34.36 -22.14
N ASP A 426 15.51 -35.55 -22.68
CA ASP A 426 14.67 -35.74 -23.86
C ASP A 426 13.21 -35.85 -23.42
N LEU A 427 12.39 -34.89 -23.84
CA LEU A 427 10.97 -34.90 -23.49
C LEU A 427 10.13 -35.73 -24.44
N LYS A 428 10.68 -36.16 -25.59
CA LYS A 428 9.91 -36.90 -26.59
C LYS A 428 9.76 -38.37 -26.18
N ARG A 429 9.36 -38.61 -24.94
CA ARG A 429 9.19 -39.94 -24.37
C ARG A 429 7.93 -39.96 -23.52
N PRO A 430 7.45 -41.13 -23.10
CA PRO A 430 6.42 -41.16 -22.05
C PRO A 430 6.89 -40.37 -20.83
N ILE A 431 5.96 -39.62 -20.23
CA ILE A 431 6.37 -38.72 -19.14
C ILE A 431 6.92 -39.50 -17.96
N ASP A 432 6.53 -40.77 -17.80
CA ASP A 432 7.09 -41.56 -16.72
C ASP A 432 8.57 -41.83 -16.94
N LYS A 433 9.01 -41.92 -18.20
CA LYS A 433 10.43 -42.04 -18.48
C LYS A 433 11.17 -40.75 -18.14
N VAL A 434 10.56 -39.60 -18.41
CA VAL A 434 11.18 -38.33 -18.05
C VAL A 434 11.29 -38.21 -16.55
N ARG A 435 10.23 -38.57 -15.83
CA ARG A 435 10.27 -38.57 -14.37
C ARG A 435 11.38 -39.48 -13.85
N GLN A 436 11.53 -40.67 -14.45
CA GLN A 436 12.57 -41.59 -14.03
C GLN A 436 13.95 -40.99 -14.20
N GLN A 437 14.19 -40.34 -15.35
CA GLN A 437 15.50 -39.73 -15.57
C GLN A 437 15.75 -38.63 -14.55
N LEU A 438 14.77 -37.75 -14.33
CA LEU A 438 14.94 -36.66 -13.38
C LEU A 438 15.22 -37.17 -11.97
N SER A 439 14.64 -38.32 -11.60
CA SER A 439 14.81 -38.87 -10.26
C SER A 439 16.26 -39.25 -9.96
N GLN A 440 17.10 -39.37 -10.99
CA GLN A 440 18.49 -39.77 -10.80
C GLN A 440 19.39 -38.63 -10.35
N TYR A 441 18.85 -37.41 -10.22
CA TYR A 441 19.68 -36.24 -9.98
C TYR A 441 19.21 -35.47 -8.76
N PRO A 442 20.13 -34.85 -8.03
CA PRO A 442 19.74 -34.01 -6.89
C PRO A 442 19.27 -32.63 -7.34
N VAL A 443 18.64 -31.92 -6.41
CA VAL A 443 18.26 -30.55 -6.69
C VAL A 443 19.53 -29.74 -6.93
N GLY A 444 19.42 -28.69 -7.74
CA GLY A 444 20.56 -27.92 -8.18
C GLY A 444 21.17 -28.38 -9.48
N THR A 445 20.80 -29.56 -9.99
CA THR A 445 21.30 -30.01 -11.28
C THR A 445 20.76 -29.16 -12.42
N ARG A 446 21.64 -28.69 -13.30
N ARG A 446 21.65 -28.68 -13.28
CA ARG A 446 21.20 -27.96 -14.48
CA ARG A 446 21.24 -28.00 -14.51
C ARG A 446 20.84 -28.95 -15.59
C ARG A 446 20.78 -29.04 -15.53
N VAL A 447 19.65 -28.78 -16.18
CA VAL A 447 19.16 -29.66 -17.21
C VAL A 447 18.90 -28.84 -18.48
N MET A 448 18.84 -29.55 -19.61
CA MET A 448 18.49 -28.97 -20.91
C MET A 448 17.36 -29.78 -21.50
N LEU A 449 16.20 -29.14 -21.67
CA LEU A 449 15.00 -29.83 -22.14
C LEU A 449 14.89 -29.74 -23.65
N ASN A 450 14.50 -30.85 -24.27
CA ASN A 450 14.31 -30.93 -25.73
C ASN A 450 13.00 -31.65 -26.01
N GLY A 451 12.02 -30.91 -26.53
CA GLY A 451 10.75 -31.53 -26.87
C GLY A 451 9.55 -30.65 -26.63
N THR A 452 8.40 -31.28 -26.34
CA THR A 452 7.13 -30.57 -26.21
C THR A 452 6.93 -30.10 -24.77
N LEU A 453 6.51 -28.85 -24.62
CA LEU A 453 6.01 -28.31 -23.37
C LEU A 453 4.57 -27.90 -23.57
N ILE A 454 3.74 -28.14 -22.55
CA ILE A 454 2.38 -27.62 -22.52
C ILE A 454 2.37 -26.40 -21.61
N VAL A 455 1.85 -25.29 -22.12
CA VAL A 455 1.95 -23.99 -21.46
C VAL A 455 0.60 -23.63 -20.86
N ALA A 456 0.58 -23.35 -19.55
CA ALA A 456 -0.65 -23.00 -18.85
C ALA A 456 -0.31 -22.22 -17.59
N ARG A 457 -1.05 -21.13 -17.34
CA ARG A 457 -0.80 -20.39 -16.11
C ARG A 457 -2.09 -20.15 -15.32
N ASP A 458 -2.27 -18.94 -14.77
CA ASP A 458 -3.20 -18.74 -13.67
C ASP A 458 -4.63 -19.11 -14.04
N ILE A 459 -5.15 -18.50 -15.09
CA ILE A 459 -6.57 -18.67 -15.41
C ILE A 459 -6.83 -20.07 -15.93
N ALA A 460 -5.93 -20.61 -16.74
CA ALA A 460 -6.11 -21.97 -17.24
C ALA A 460 -6.16 -22.97 -16.09
N HIS A 461 -5.28 -22.80 -15.09
CA HIS A 461 -5.31 -23.69 -13.93
C HIS A 461 -6.64 -23.57 -13.19
N ALA A 462 -7.15 -22.34 -13.03
CA ALA A 462 -8.42 -22.15 -12.33
C ALA A 462 -9.57 -22.78 -13.10
N LYS A 463 -9.57 -22.65 -14.44
CA LYS A 463 -10.63 -23.25 -15.25
C LYS A 463 -10.59 -24.76 -15.18
N ILE A 464 -9.38 -25.33 -15.14
CA ILE A 464 -9.23 -26.78 -15.13
C ILE A 464 -9.65 -27.36 -13.78
N LYS A 465 -9.30 -26.70 -12.67
CA LYS A 465 -9.79 -27.13 -11.37
C LYS A 465 -11.31 -27.08 -11.32
N GLU A 466 -11.90 -26.04 -11.90
CA GLU A 466 -13.36 -25.93 -11.97
C GLU A 466 -13.96 -27.09 -12.74
N MET A 467 -13.32 -27.48 -13.85
CA MET A 467 -13.81 -28.64 -14.61
C MET A 467 -13.79 -29.91 -13.77
N MET A 468 -12.72 -30.11 -13.01
CA MET A 468 -12.62 -31.31 -12.19
C MET A 468 -13.61 -31.28 -11.04
N ASP A 469 -13.84 -30.10 -10.46
CA ASP A 469 -14.85 -29.97 -9.41
C ASP A 469 -16.24 -30.33 -9.91
N ASN A 470 -16.48 -30.23 -11.21
CA ASN A 470 -17.74 -30.61 -11.81
C ASN A 470 -17.73 -32.03 -12.37
N GLY A 471 -16.73 -32.84 -12.01
CA GLY A 471 -16.71 -34.23 -12.38
C GLY A 471 -15.91 -34.55 -13.63
N GLU A 472 -15.48 -33.54 -14.38
CA GLU A 472 -14.77 -33.77 -15.63
C GLU A 472 -13.32 -34.20 -15.35
N PRO A 473 -12.71 -34.90 -16.29
CA PRO A 473 -11.33 -35.35 -16.07
C PRO A 473 -10.30 -34.24 -16.22
N LEU A 474 -9.18 -34.44 -15.56
CA LEU A 474 -8.01 -33.64 -15.86
C LEU A 474 -7.68 -33.79 -17.34
N PRO A 475 -7.56 -32.69 -18.09
CA PRO A 475 -7.37 -32.81 -19.53
C PRO A 475 -6.09 -33.55 -19.89
N GLU A 476 -6.16 -34.26 -21.03
CA GLU A 476 -5.04 -35.06 -21.52
C GLU A 476 -3.76 -34.24 -21.64
N TYR A 477 -3.87 -32.99 -22.05
CA TYR A 477 -2.67 -32.18 -22.27
C TYR A 477 -1.97 -31.79 -20.97
N MET A 478 -2.58 -32.06 -19.81
CA MET A 478 -1.92 -31.86 -18.53
C MET A 478 -1.16 -33.08 -18.06
N LYS A 479 -1.19 -34.17 -18.84
CA LYS A 479 -0.59 -35.43 -18.44
C LYS A 479 0.53 -35.91 -19.36
N THR A 480 0.76 -35.26 -20.50
CA THR A 480 1.70 -35.80 -21.48
C THR A 480 3.08 -35.15 -21.43
N SER A 481 3.19 -33.94 -20.89
CA SER A 481 4.41 -33.14 -21.02
C SER A 481 4.59 -32.31 -19.76
N PRO A 482 5.79 -31.80 -19.51
CA PRO A 482 5.97 -30.82 -18.44
C PRO A 482 5.08 -29.61 -18.68
N ILE A 483 4.62 -29.00 -17.58
CA ILE A 483 3.76 -27.83 -17.64
C ILE A 483 4.65 -26.61 -17.48
N TYR A 484 4.71 -25.79 -18.53
CA TYR A 484 5.46 -24.54 -18.51
C TYR A 484 4.50 -23.43 -18.15
N TYR A 485 4.73 -22.79 -17.00
CA TYR A 485 3.91 -21.65 -16.60
C TYR A 485 4.43 -20.44 -17.36
N ALA A 486 3.68 -19.97 -18.36
CA ALA A 486 4.17 -18.86 -19.18
C ALA A 486 3.02 -18.29 -19.99
N GLY A 487 3.21 -17.04 -20.43
CA GLY A 487 2.32 -16.39 -21.36
C GLY A 487 3.11 -15.54 -22.34
N PRO A 488 3.01 -15.84 -23.63
CA PRO A 488 3.91 -15.21 -24.61
C PRO A 488 3.48 -13.81 -25.02
N ALA A 489 4.48 -13.00 -25.38
CA ALA A 489 4.21 -11.77 -26.13
C ALA A 489 3.91 -12.13 -27.59
N LYS A 490 3.49 -11.12 -28.35
CA LYS A 490 3.09 -11.36 -29.73
C LYS A 490 4.29 -11.77 -30.59
N THR A 491 4.02 -12.61 -31.58
CA THR A 491 5.07 -13.18 -32.42
C THR A 491 5.45 -12.20 -33.52
N PRO A 492 6.72 -11.78 -33.61
CA PRO A 492 7.13 -10.94 -34.75
C PRO A 492 6.93 -11.67 -36.07
N GLU A 493 6.61 -10.90 -37.10
CA GLU A 493 6.44 -11.47 -38.43
C GLU A 493 7.70 -12.22 -38.83
N GLY A 494 7.53 -13.46 -39.29
CA GLY A 494 8.65 -14.28 -39.69
C GLY A 494 9.40 -14.97 -38.57
N TYR A 495 8.98 -14.78 -37.32
CA TYR A 495 9.60 -15.44 -36.18
C TYR A 495 8.77 -16.63 -35.74
N ALA A 496 9.43 -17.62 -35.14
CA ALA A 496 8.70 -18.77 -34.62
C ALA A 496 7.94 -18.42 -33.34
N SER A 497 8.43 -17.45 -32.58
CA SER A 497 7.84 -17.14 -31.28
C SER A 497 8.16 -15.71 -30.90
N GLY A 498 7.22 -15.07 -30.20
CA GLY A 498 7.52 -13.85 -29.47
C GLY A 498 8.26 -14.18 -28.18
N SER A 499 8.64 -13.13 -27.45
CA SER A 499 9.29 -13.35 -26.15
C SER A 499 8.42 -14.24 -25.27
N PHE A 500 9.06 -15.18 -24.58
CA PHE A 500 8.32 -16.31 -24.03
C PHE A 500 9.03 -16.92 -22.81
N GLY A 501 9.34 -16.11 -21.81
CA GLY A 501 9.92 -16.60 -20.58
C GLY A 501 8.86 -17.01 -19.56
N PRO A 502 9.31 -17.56 -18.43
CA PRO A 502 8.36 -18.12 -17.44
C PRO A 502 7.68 -17.05 -16.59
N THR A 503 6.55 -17.44 -16.03
CA THR A 503 5.86 -16.64 -15.01
C THR A 503 6.14 -17.20 -13.62
N THR A 504 5.70 -16.49 -12.59
CA THR A 504 6.00 -16.87 -11.22
C THR A 504 5.28 -18.16 -10.84
N ALA A 505 6.05 -19.14 -10.35
CA ALA A 505 5.50 -20.45 -10.05
C ALA A 505 4.52 -20.42 -8.88
N GLY A 506 4.77 -19.56 -7.90
CA GLY A 506 4.02 -19.59 -6.66
C GLY A 506 2.51 -19.45 -6.84
N ALA A 507 2.08 -18.77 -7.90
CA ALA A 507 0.65 -18.55 -8.15
C ALA A 507 -0.10 -19.84 -8.47
N MET A 508 0.61 -20.88 -8.91
CA MET A 508 0.01 -22.16 -9.23
C MET A 508 0.13 -23.18 -8.09
N ASP A 509 0.71 -22.79 -6.95
CA ASP A 509 1.05 -23.75 -5.91
C ASP A 509 -0.19 -24.52 -5.41
N SER A 510 -1.34 -23.85 -5.30
CA SER A 510 -2.51 -24.50 -4.74
C SER A 510 -3.10 -25.58 -5.65
N TYR A 511 -2.58 -25.72 -6.88
CA TYR A 511 -3.09 -26.70 -7.83
C TYR A 511 -2.24 -27.96 -7.92
N VAL A 512 -1.00 -27.94 -7.44
CA VAL A 512 -0.06 -29.01 -7.79
C VAL A 512 -0.49 -30.33 -7.16
N ASP A 513 -0.77 -30.34 -5.86
CA ASP A 513 -1.17 -31.59 -5.22
C ASP A 513 -2.45 -32.13 -5.83
N LEU A 514 -3.43 -31.25 -6.09
CA LEU A 514 -4.68 -31.69 -6.69
C LEU A 514 -4.44 -32.31 -8.06
N PHE A 515 -3.69 -31.61 -8.92
CA PHE A 515 -3.50 -32.14 -10.27
C PHE A 515 -2.68 -33.42 -10.26
N GLN A 516 -1.66 -33.49 -9.40
CA GLN A 516 -0.83 -34.69 -9.32
C GLN A 516 -1.63 -35.87 -8.78
N SER A 517 -2.49 -35.66 -7.79
CA SER A 517 -3.30 -36.77 -7.32
C SER A 517 -4.30 -37.23 -8.39
N HIS A 518 -4.52 -36.42 -9.42
CA HIS A 518 -5.35 -36.82 -10.55
C HIS A 518 -4.53 -37.14 -11.80
N GLY A 519 -3.24 -37.40 -11.64
CA GLY A 519 -2.44 -38.01 -12.70
C GLY A 519 -1.78 -37.08 -13.68
N GLY A 520 -1.63 -35.79 -13.35
CA GLY A 520 -1.01 -34.85 -14.24
C GLY A 520 -0.17 -33.85 -13.48
N SER A 521 0.48 -32.95 -14.24
CA SER A 521 1.32 -31.90 -13.67
C SER A 521 2.44 -32.48 -12.82
N TYR A 522 2.94 -33.67 -13.19
CA TYR A 522 4.05 -34.27 -12.44
C TYR A 522 5.33 -33.46 -12.59
N ILE A 523 5.51 -32.78 -13.73
CA ILE A 523 6.67 -31.95 -13.96
C ILE A 523 6.21 -30.55 -14.33
N THR A 524 6.63 -29.57 -13.55
CA THR A 524 6.32 -28.18 -13.83
C THR A 524 7.60 -27.38 -14.03
N LEU A 525 7.50 -26.33 -14.84
CA LEU A 525 8.63 -25.52 -15.26
C LEU A 525 8.23 -24.05 -15.19
N ALA A 526 8.92 -23.29 -14.34
CA ALA A 526 8.61 -21.87 -14.19
C ALA A 526 9.82 -21.19 -13.54
N LYS A 527 9.58 -20.10 -12.81
CA LYS A 527 10.63 -19.44 -12.05
C LYS A 527 10.10 -19.05 -10.68
N GLY A 528 11.02 -19.01 -9.72
CA GLY A 528 10.68 -18.59 -8.37
C GLY A 528 10.61 -19.76 -7.40
N ASN A 529 10.95 -19.48 -6.14
CA ASN A 529 10.77 -20.45 -5.08
C ASN A 529 9.29 -20.68 -4.82
N ARG A 530 8.96 -21.87 -4.32
CA ARG A 530 7.57 -22.27 -4.12
C ARG A 530 7.34 -22.66 -2.66
N SER A 531 6.07 -22.82 -2.29
CA SER A 531 5.72 -23.10 -0.91
C SER A 531 5.91 -24.58 -0.59
N LYS A 532 5.89 -24.89 0.71
CA LYS A 532 6.15 -26.26 1.16
C LYS A 532 5.14 -27.25 0.60
N GLN A 533 3.90 -26.82 0.35
CA GLN A 533 2.89 -27.73 -0.16
C GLN A 533 3.31 -28.34 -1.49
N VAL A 534 4.09 -27.62 -2.30
CA VAL A 534 4.56 -28.17 -3.57
C VAL A 534 5.64 -29.21 -3.34
N THR A 535 6.53 -28.96 -2.38
CA THR A 535 7.55 -29.94 -2.02
C THR A 535 6.90 -31.22 -1.50
N ASP A 536 5.87 -31.08 -0.64
CA ASP A 536 5.18 -32.25 -0.12
C ASP A 536 4.49 -33.01 -1.24
N ALA A 537 3.87 -32.28 -2.17
CA ALA A 537 3.14 -32.90 -3.28
C ALA A 537 4.08 -33.69 -4.17
N CYS A 538 5.21 -33.08 -4.56
CA CYS A 538 6.15 -33.77 -5.44
C CYS A 538 6.72 -35.02 -4.77
N LYS A 539 6.93 -34.96 -3.44
CA LYS A 539 7.41 -36.15 -2.75
C LYS A 539 6.32 -37.21 -2.68
N LYS A 540 5.07 -36.79 -2.45
CA LYS A 540 3.98 -37.75 -2.33
C LYS A 540 3.69 -38.43 -3.65
N HIS A 541 3.77 -37.71 -4.76
CA HIS A 541 3.30 -38.20 -6.05
C HIS A 541 4.44 -38.47 -7.02
N GLY A 542 5.69 -38.25 -6.63
CA GLY A 542 6.80 -38.45 -7.54
C GLY A 542 6.91 -37.39 -8.61
N GLY A 543 6.87 -36.12 -8.19
CA GLY A 543 6.90 -35.00 -9.10
C GLY A 543 8.18 -34.18 -9.01
N PHE A 544 8.28 -33.20 -9.90
CA PHE A 544 9.45 -32.34 -9.99
C PHE A 544 9.01 -30.92 -10.35
N TYR A 545 9.70 -29.93 -9.79
CA TYR A 545 9.58 -28.55 -10.22
C TYR A 545 10.93 -28.10 -10.76
N LEU A 546 10.94 -27.67 -12.02
CA LEU A 546 12.15 -27.21 -12.69
C LEU A 546 12.12 -25.68 -12.75
N GLY A 547 13.24 -25.08 -12.37
CA GLY A 547 13.32 -23.63 -12.41
C GLY A 547 14.03 -23.11 -13.64
N SER A 548 13.28 -22.51 -14.56
CA SER A 548 13.89 -21.77 -15.65
C SER A 548 14.57 -20.53 -15.09
N ILE A 549 15.58 -20.04 -15.81
CA ILE A 549 16.05 -18.69 -15.51
C ILE A 549 14.89 -17.74 -15.73
N GLY A 550 14.75 -16.77 -14.84
CA GLY A 550 13.66 -15.80 -14.92
C GLY A 550 14.14 -14.51 -15.55
N GLY A 551 13.40 -14.06 -16.57
CA GLY A 551 13.75 -12.84 -17.26
C GLY A 551 14.17 -12.95 -18.73
N PRO A 552 14.93 -14.01 -19.13
CA PRO A 552 15.55 -13.95 -20.48
C PRO A 552 14.61 -14.39 -21.59
N ALA A 553 13.47 -13.70 -21.69
CA ALA A 553 12.39 -14.13 -22.57
C ALA A 553 12.75 -14.03 -24.04
N ALA A 554 13.60 -13.06 -24.41
CA ALA A 554 13.94 -12.86 -25.81
C ALA A 554 14.90 -13.93 -26.31
N ILE A 555 15.91 -14.28 -25.51
CA ILE A 555 16.86 -15.28 -25.96
C ILE A 555 16.24 -16.67 -25.93
N LEU A 556 15.37 -16.95 -24.96
CA LEU A 556 14.62 -18.21 -24.99
C LEU A 556 13.81 -18.34 -26.26
N ALA A 557 13.09 -17.26 -26.63
CA ALA A 557 12.30 -17.27 -27.86
C ALA A 557 13.19 -17.44 -29.07
N LYS A 558 14.29 -16.69 -29.14
CA LYS A 558 15.14 -16.71 -30.32
C LYS A 558 15.83 -18.06 -30.49
N ASP A 559 16.29 -18.67 -29.40
CA ASP A 559 17.18 -19.83 -29.49
C ASP A 559 16.49 -21.15 -29.19
N SER A 560 15.48 -21.17 -28.32
CA SER A 560 14.94 -22.41 -27.82
C SER A 560 13.57 -22.80 -28.38
N ILE A 561 12.70 -21.84 -28.69
CA ILE A 561 11.33 -22.14 -29.06
C ILE A 561 11.21 -22.24 -30.58
N LYS A 562 10.79 -23.40 -31.07
CA LYS A 562 10.75 -23.67 -32.50
C LYS A 562 9.34 -23.66 -33.09
N GLN A 563 8.33 -23.94 -32.28
CA GLN A 563 6.94 -24.00 -32.74
C GLN A 563 6.04 -23.60 -31.59
N VAL A 564 5.01 -22.82 -31.89
CA VAL A 564 4.03 -22.39 -30.91
C VAL A 564 2.65 -22.60 -31.51
N THR A 565 1.78 -23.29 -30.78
CA THR A 565 0.40 -23.49 -31.19
C THR A 565 -0.51 -23.23 -30.00
N CYS A 566 -1.66 -22.64 -30.27
CA CYS A 566 -2.69 -22.46 -29.25
C CYS A 566 -3.48 -23.76 -29.14
N LEU A 567 -3.56 -24.30 -27.93
CA LEU A 567 -4.21 -25.58 -27.68
C LEU A 567 -5.62 -25.46 -27.15
N ALA A 568 -5.87 -24.55 -26.19
CA ALA A 568 -7.18 -24.45 -25.58
C ALA A 568 -7.35 -23.05 -25.01
N PHE A 569 -8.61 -22.69 -24.78
CA PHE A 569 -8.98 -21.39 -24.22
C PHE A 569 -8.38 -20.23 -25.00
N PRO A 570 -8.58 -20.16 -26.32
CA PRO A 570 -7.98 -19.06 -27.09
C PRO A 570 -8.44 -17.68 -26.64
N GLU A 571 -9.66 -17.59 -26.07
CA GLU A 571 -10.19 -16.31 -25.64
C GLU A 571 -9.38 -15.68 -24.52
N LEU A 572 -8.51 -16.46 -23.87
CA LEU A 572 -7.69 -15.94 -22.78
C LEU A 572 -6.46 -15.17 -23.28
N GLY A 573 -6.25 -15.06 -24.58
CA GLY A 573 -5.12 -14.32 -25.10
C GLY A 573 -3.82 -15.02 -24.73
N MET A 574 -2.90 -14.24 -24.14
CA MET A 574 -1.63 -14.81 -23.70
C MET A 574 -1.80 -15.88 -22.63
N GLU A 575 -2.94 -15.92 -21.95
CA GLU A 575 -3.16 -16.92 -20.90
C GLU A 575 -3.84 -18.17 -21.43
N ALA A 576 -3.95 -18.32 -22.74
CA ALA A 576 -4.42 -19.56 -23.32
C ALA A 576 -3.46 -20.71 -22.97
N VAL A 577 -3.93 -21.92 -23.20
CA VAL A 577 -3.06 -23.10 -23.14
C VAL A 577 -2.34 -23.23 -24.46
N TRP A 578 -1.01 -23.31 -24.41
CA TRP A 578 -0.19 -23.45 -25.61
C TRP A 578 0.53 -24.79 -25.59
N LYS A 579 0.89 -25.24 -26.79
CA LYS A 579 1.77 -26.38 -27.00
C LYS A 579 2.96 -25.88 -27.79
N ILE A 580 4.15 -26.00 -27.22
CA ILE A 580 5.36 -25.50 -27.86
C ILE A 580 6.39 -26.61 -27.95
N GLU A 581 7.23 -26.54 -28.96
CA GLU A 581 8.35 -27.46 -29.15
C GLU A 581 9.63 -26.69 -28.88
N VAL A 582 10.45 -27.17 -27.97
CA VAL A 582 11.66 -26.46 -27.57
C VAL A 582 12.88 -27.33 -27.76
N GLU A 583 14.03 -26.66 -27.89
CA GLU A 583 15.33 -27.30 -27.93
C GLU A 583 16.26 -26.52 -27.01
N ASP A 584 17.11 -27.24 -26.29
CA ASP A 584 18.15 -26.66 -25.44
C ASP A 584 17.58 -25.62 -24.48
N PHE A 585 16.47 -25.98 -23.81
CA PHE A 585 15.82 -25.09 -22.87
C PHE A 585 16.47 -25.27 -21.50
N PRO A 586 17.17 -24.27 -20.96
CA PRO A 586 17.90 -24.48 -19.70
C PRO A 586 16.99 -24.36 -18.48
N ALA A 587 17.26 -25.20 -17.49
CA ALA A 587 16.54 -25.11 -16.21
C ALA A 587 17.34 -25.80 -15.13
N PHE A 588 16.95 -25.53 -13.89
CA PHE A 588 17.49 -26.22 -12.72
C PHE A 588 16.40 -27.07 -12.09
N ILE A 589 16.80 -28.19 -11.50
CA ILE A 589 15.90 -28.99 -10.68
C ILE A 589 15.79 -28.31 -9.31
N VAL A 590 14.66 -27.68 -9.04
CA VAL A 590 14.48 -26.95 -7.79
C VAL A 590 13.82 -27.81 -6.72
N VAL A 591 12.77 -28.54 -7.07
CA VAL A 591 12.13 -29.51 -6.19
C VAL A 591 12.21 -30.87 -6.84
N ASP A 592 12.69 -31.88 -6.10
CA ASP A 592 12.77 -33.24 -6.63
C ASP A 592 11.61 -34.06 -6.11
N ASP A 593 11.67 -35.37 -6.31
CA ASP A 593 10.62 -36.30 -5.89
C ASP A 593 10.91 -36.94 -4.54
N LYS A 594 11.76 -36.31 -3.73
CA LYS A 594 12.22 -36.89 -2.47
C LYS A 594 12.07 -35.93 -1.29
N GLY A 595 11.42 -34.78 -1.49
CA GLY A 595 11.27 -33.83 -0.41
C GLY A 595 12.33 -32.75 -0.34
N ASN A 596 13.17 -32.65 -1.36
CA ASN A 596 14.28 -31.69 -1.38
C ASN A 596 13.90 -30.46 -2.19
N ASP A 597 14.47 -29.33 -1.79
CA ASP A 597 14.16 -28.03 -2.38
C ASP A 597 15.46 -27.23 -2.38
N MET A 598 15.90 -26.77 -3.56
CA MET A 598 17.21 -26.13 -3.57
C MET A 598 17.18 -24.76 -2.91
N TYR A 599 16.02 -24.29 -2.48
CA TYR A 599 15.89 -23.05 -1.74
C TYR A 599 15.72 -23.26 -0.23
N SER A 600 15.73 -24.51 0.23
CA SER A 600 15.39 -24.78 1.63
C SER A 600 16.39 -24.19 2.60
N LYS A 601 17.63 -23.96 2.18
CA LYS A 601 18.62 -23.38 3.10
C LYS A 601 18.58 -21.86 3.06
N THR A 602 18.52 -21.27 1.87
CA THR A 602 18.60 -19.81 1.76
C THR A 602 17.27 -19.13 2.05
N LEU A 603 16.14 -19.80 1.80
CA LEU A 603 14.84 -19.17 1.96
C LEU A 603 14.01 -19.82 3.06
N ALA A 604 14.66 -20.48 4.02
CA ALA A 604 13.99 -21.10 5.15
C ALA A 604 13.27 -20.06 6.00
N ASP B 64 -10.09 1.46 -33.64
CA ASP B 64 -10.28 0.43 -32.64
C ASP B 64 -9.91 0.92 -31.24
N PHE B 65 -9.20 2.04 -31.17
CA PHE B 65 -8.82 2.60 -29.89
C PHE B 65 -10.02 3.23 -29.20
N HIS B 66 -10.21 2.92 -27.93
CA HIS B 66 -11.25 3.55 -27.12
C HIS B 66 -10.69 3.86 -25.75
N PHE B 67 -10.62 5.14 -25.41
CA PHE B 67 -10.15 5.52 -24.09
C PHE B 67 -11.26 5.31 -23.06
N SER B 68 -10.90 4.72 -21.94
CA SER B 68 -11.83 4.48 -20.83
C SER B 68 -11.11 4.81 -19.53
N ALA B 69 -11.51 5.89 -18.88
CA ALA B 69 -10.95 6.20 -17.57
C ALA B 69 -11.33 5.10 -16.59
N ILE B 70 -10.40 4.77 -15.68
CA ILE B 70 -10.67 3.71 -14.71
C ILE B 70 -11.84 4.09 -13.81
N PHE B 71 -11.86 5.33 -13.34
CA PHE B 71 -12.88 5.80 -12.42
C PHE B 71 -13.85 6.70 -13.17
N GLN B 72 -15.12 6.31 -13.21
CA GLN B 72 -16.16 7.05 -13.92
C GLN B 72 -17.34 7.34 -13.00
N PRO B 73 -17.15 8.15 -11.96
CA PRO B 73 -18.27 8.50 -11.09
C PRO B 73 -19.38 9.21 -11.87
N THR B 74 -20.63 8.88 -11.56
CA THR B 74 -21.74 9.60 -12.13
C THR B 74 -21.93 10.97 -11.49
N ASP B 75 -21.31 11.23 -10.35
CA ASP B 75 -21.40 12.50 -9.66
C ASP B 75 -19.99 13.02 -9.36
N PRO B 76 -19.22 13.34 -10.41
CA PRO B 76 -17.80 13.66 -10.19
C PRO B 76 -17.56 14.91 -9.36
N HIS B 77 -18.49 15.85 -9.36
CA HIS B 77 -18.36 17.07 -8.58
C HIS B 77 -19.11 17.00 -7.26
N HIS B 78 -19.65 15.83 -6.92
CA HIS B 78 -20.27 15.59 -5.62
C HIS B 78 -21.46 16.52 -5.37
N HIS B 79 -22.33 16.62 -6.38
CA HIS B 79 -23.56 17.40 -6.24
C HIS B 79 -24.49 16.83 -5.18
N GLN B 80 -24.39 15.54 -4.87
CA GLN B 80 -25.19 14.94 -3.80
C GLN B 80 -24.77 15.44 -2.43
N THR B 81 -23.65 16.14 -2.31
CA THR B 81 -23.20 16.67 -1.03
C THR B 81 -23.66 18.13 -0.89
N GLU B 82 -24.05 18.49 0.33
CA GLU B 82 -24.45 19.85 0.63
C GLU B 82 -23.23 20.69 0.95
N PHE B 83 -23.11 21.86 0.30
CA PHE B 83 -22.00 22.77 0.47
C PHE B 83 -22.50 24.12 0.98
N ALA B 84 -21.67 24.79 1.77
CA ALA B 84 -21.88 26.16 2.17
C ALA B 84 -20.81 27.05 1.57
N LYS B 85 -21.18 28.26 1.19
CA LYS B 85 -20.22 29.21 0.64
C LYS B 85 -19.56 29.99 1.77
N VAL B 86 -18.25 30.14 1.69
CA VAL B 86 -17.54 31.04 2.59
C VAL B 86 -17.92 32.46 2.20
N GLU B 87 -18.50 33.20 3.14
CA GLU B 87 -19.06 34.52 2.85
C GLU B 87 -17.99 35.46 2.29
N GLY B 88 -18.35 36.16 1.22
CA GLY B 88 -17.45 37.12 0.59
C GLY B 88 -16.28 36.53 -0.17
N SER B 89 -16.17 35.20 -0.26
CA SER B 89 -14.99 34.58 -0.85
C SER B 89 -14.90 34.75 -2.36
N GLU B 90 -15.90 35.33 -3.02
CA GLU B 90 -15.75 35.59 -4.45
C GLU B 90 -14.68 36.64 -4.73
N LYS B 91 -14.24 37.40 -3.73
CA LYS B 91 -13.16 38.36 -3.90
C LYS B 91 -11.81 37.70 -4.15
N TYR B 92 -11.69 36.39 -3.92
CA TYR B 92 -10.43 35.68 -4.13
C TYR B 92 -10.28 35.12 -5.54
N VAL B 93 -11.30 35.22 -6.38
CA VAL B 93 -11.27 34.62 -7.71
C VAL B 93 -11.63 35.67 -8.75
N GLU B 94 -11.12 35.48 -9.96
CA GLU B 94 -11.40 36.36 -11.09
C GLU B 94 -11.42 35.54 -12.36
N GLU B 95 -12.51 35.67 -13.13
CA GLU B 95 -12.65 34.98 -14.40
C GLU B 95 -11.98 35.77 -15.52
N VAL B 96 -11.11 35.10 -16.27
CA VAL B 96 -10.43 35.71 -17.40
C VAL B 96 -10.51 34.75 -18.59
N GLU B 97 -10.08 35.25 -19.74
CA GLU B 97 -10.06 34.46 -20.96
C GLU B 97 -8.73 34.68 -21.67
N VAL B 98 -7.99 33.61 -21.91
CA VAL B 98 -6.75 33.65 -22.69
C VAL B 98 -6.84 32.60 -23.79
N PHE B 99 -6.40 32.97 -24.99
CA PHE B 99 -6.40 32.08 -26.15
C PHE B 99 -7.75 31.41 -26.35
N GLY B 100 -8.81 32.17 -26.11
CA GLY B 100 -10.16 31.70 -26.32
C GLY B 100 -10.69 30.79 -25.24
N ARG B 101 -9.94 30.56 -24.17
CA ARG B 101 -10.33 29.59 -23.16
C ARG B 101 -10.57 30.29 -21.83
N GLN B 102 -11.57 29.82 -21.10
CA GLN B 102 -11.92 30.39 -19.81
C GLN B 102 -10.95 29.92 -18.75
N ALA B 103 -10.44 30.86 -17.96
CA ALA B 103 -9.52 30.55 -16.89
C ALA B 103 -9.99 31.26 -15.62
N LEU B 104 -9.47 30.80 -14.49
CA LEU B 104 -9.82 31.35 -13.19
C LEU B 104 -8.54 31.68 -12.46
N LYS B 105 -8.34 32.96 -12.16
CA LYS B 105 -7.25 33.37 -11.28
C LYS B 105 -7.70 33.25 -9.83
N VAL B 106 -6.92 32.50 -9.04
CA VAL B 106 -7.26 32.25 -7.64
C VAL B 106 -6.14 32.83 -6.78
N ASN B 107 -6.49 33.80 -5.96
CA ASN B 107 -5.59 34.28 -4.92
C ASN B 107 -5.23 33.11 -4.01
N PRO B 108 -3.95 32.74 -3.88
CA PRO B 108 -3.60 31.56 -3.07
C PRO B 108 -4.01 31.67 -1.61
N GLU B 109 -4.27 32.88 -1.11
CA GLU B 109 -4.81 33.02 0.25
C GLU B 109 -6.11 32.25 0.40
N ALA B 110 -6.84 32.04 -0.69
CA ALA B 110 -8.04 31.21 -0.62
C ALA B 110 -7.71 29.80 -0.13
N LEU B 111 -6.56 29.26 -0.56
CA LEU B 111 -6.16 27.92 -0.11
C LEU B 111 -5.90 27.89 1.40
N THR B 112 -5.29 28.95 1.93
CA THR B 112 -5.07 29.03 3.38
C THR B 112 -6.39 29.12 4.13
N ILE B 113 -7.28 30.00 3.67
CA ILE B 113 -8.58 30.14 4.32
C ILE B 113 -9.35 28.83 4.30
N LEU B 114 -9.36 28.16 3.14
CA LEU B 114 -10.12 26.93 3.00
C LEU B 114 -9.56 25.81 3.87
N ALA B 115 -8.24 25.60 3.82
CA ALA B 115 -7.64 24.53 4.62
C ALA B 115 -7.84 24.79 6.11
N HIS B 116 -7.77 26.05 6.52
CA HIS B 116 -7.97 26.38 7.93
C HIS B 116 -9.38 26.05 8.40
N ARG B 117 -10.39 26.42 7.61
CA ARG B 117 -11.77 26.11 8.02
C ARG B 117 -12.04 24.61 7.98
N ALA B 118 -11.53 23.92 6.96
CA ALA B 118 -11.76 22.47 6.85
C ALA B 118 -11.19 21.75 8.06
N PHE B 119 -9.95 22.05 8.43
CA PHE B 119 -9.33 21.32 9.52
C PHE B 119 -9.71 21.87 10.90
N SER B 120 -10.60 22.85 10.96
CA SER B 120 -11.27 23.20 12.20
C SER B 120 -12.63 22.52 12.32
N ASP B 121 -13.48 22.67 11.29
CA ASP B 121 -14.84 22.15 11.34
C ASP B 121 -14.86 20.64 11.50
N VAL B 122 -13.94 19.93 10.86
CA VAL B 122 -14.03 18.48 10.79
C VAL B 122 -13.80 17.82 12.14
N HIS B 123 -13.21 18.54 13.10
CA HIS B 123 -13.00 18.00 14.45
C HIS B 123 -14.18 18.23 15.37
N HIS B 124 -15.27 18.82 14.90
CA HIS B 124 -16.40 19.10 15.77
C HIS B 124 -17.73 18.60 15.22
N PHE B 125 -17.78 18.13 13.98
CA PHE B 125 -19.03 17.71 13.36
C PHE B 125 -18.76 16.47 12.52
N PHE B 126 -19.84 15.75 12.21
CA PHE B 126 -19.76 14.49 11.47
C PHE B 126 -20.75 14.51 10.32
N ARG B 127 -20.55 13.58 9.40
CA ARG B 127 -21.51 13.40 8.32
C ARG B 127 -22.76 12.69 8.85
N LYS B 128 -23.87 12.85 8.12
CA LYS B 128 -25.11 12.21 8.52
C LYS B 128 -25.00 10.69 8.47
N ASP B 129 -24.29 10.15 7.47
CA ASP B 129 -24.24 8.69 7.36
C ASP B 129 -23.46 8.07 8.53
N HIS B 130 -22.49 8.79 9.08
CA HIS B 130 -21.79 8.33 10.29
C HIS B 130 -22.73 8.37 11.49
N LEU B 131 -23.41 9.50 11.71
CA LEU B 131 -24.31 9.62 12.85
C LEU B 131 -25.47 8.64 12.76
N GLU B 132 -26.02 8.43 11.56
CA GLU B 132 -27.09 7.46 11.39
C GLU B 132 -26.65 6.06 11.80
N GLY B 133 -25.38 5.71 11.58
CA GLY B 133 -24.89 4.41 12.00
C GLY B 133 -24.94 4.23 13.50
N TRP B 134 -24.55 5.26 14.25
CA TRP B 134 -24.62 5.18 15.71
C TRP B 134 -26.07 5.04 16.17
N ARG B 135 -26.99 5.78 15.55
CA ARG B 135 -28.40 5.63 15.91
C ARG B 135 -28.92 4.25 15.56
N ARG B 136 -28.48 3.69 14.43
CA ARG B 136 -28.87 2.33 14.10
C ARG B 136 -28.43 1.36 15.18
N ALA B 137 -27.22 1.53 15.71
CA ALA B 137 -26.73 0.64 16.76
C ALA B 137 -27.53 0.80 18.05
N ILE B 138 -28.09 1.98 18.32
CA ILE B 138 -28.89 2.15 19.52
C ILE B 138 -30.28 1.56 19.33
N GLU B 139 -30.85 1.67 18.12
CA GLU B 139 -32.26 1.33 17.92
C GLU B 139 -32.49 -0.08 17.40
N ASP B 140 -31.49 -0.73 16.83
CA ASP B 140 -31.64 -2.09 16.31
C ASP B 140 -31.89 -3.08 17.45
N PRO B 141 -32.99 -3.82 17.44
CA PRO B 141 -33.17 -4.86 18.47
C PRO B 141 -32.08 -5.92 18.45
N GLU B 142 -31.41 -6.13 17.31
CA GLU B 142 -30.34 -7.10 17.22
C GLU B 142 -29.01 -6.56 17.74
N ALA B 143 -28.91 -5.27 18.04
CA ALA B 143 -27.70 -4.75 18.65
C ALA B 143 -27.55 -5.32 20.06
N SER B 144 -26.32 -5.59 20.46
CA SER B 144 -26.09 -6.01 21.83
C SER B 144 -26.20 -4.83 22.78
N ASP B 145 -26.31 -5.14 24.07
CA ASP B 145 -26.30 -4.08 25.08
C ASP B 145 -25.01 -3.26 25.00
N ASN B 146 -23.87 -3.93 24.80
CA ASN B 146 -22.61 -3.20 24.66
C ASN B 146 -22.59 -2.35 23.39
N ASP B 147 -23.17 -2.87 22.30
CA ASP B 147 -23.34 -2.05 21.10
C ASP B 147 -24.04 -0.75 21.42
N ARG B 148 -25.19 -0.83 22.10
CA ARG B 148 -25.98 0.36 22.39
C ARG B 148 -25.24 1.31 23.32
N TYR B 149 -24.52 0.76 24.30
CA TYR B 149 -23.78 1.57 25.25
C TYR B 149 -22.64 2.32 24.55
N VAL B 150 -21.88 1.62 23.70
CA VAL B 150 -20.78 2.26 23.01
C VAL B 150 -21.28 3.35 22.07
N ALA B 151 -22.31 3.03 21.26
CA ALA B 151 -22.83 4.01 20.31
C ALA B 151 -23.41 5.23 21.02
N THR B 152 -24.11 5.03 22.13
CA THR B 152 -24.62 6.16 22.90
C THR B 152 -23.48 7.02 23.42
N THR B 153 -22.42 6.38 23.93
CA THR B 153 -21.26 7.13 24.41
C THR B 153 -20.66 7.97 23.29
N LEU B 154 -20.51 7.38 22.11
CA LEU B 154 -19.90 8.11 20.98
C LEU B 154 -20.80 9.25 20.52
N LEU B 155 -22.12 9.05 20.53
CA LEU B 155 -23.03 10.14 20.16
C LEU B 155 -22.98 11.27 21.18
N LYS B 156 -22.93 10.93 22.47
CA LYS B 156 -22.80 11.98 23.49
C LYS B 156 -21.46 12.70 23.34
N ASN B 157 -20.41 11.97 22.98
CA ASN B 157 -19.13 12.60 22.68
C ASN B 157 -19.27 13.59 21.53
N ALA B 158 -20.01 13.21 20.48
CA ALA B 158 -20.21 14.10 19.34
C ALA B 158 -20.96 15.37 19.74
N CYS B 159 -21.90 15.26 20.68
CA CYS B 159 -22.61 16.44 21.14
C CYS B 159 -21.68 17.40 21.87
N ILE B 160 -20.74 16.86 22.66
CA ILE B 160 -19.73 17.71 23.30
C ILE B 160 -18.84 18.36 22.24
N ALA B 161 -18.39 17.58 21.27
CA ALA B 161 -17.49 18.13 20.24
C ALA B 161 -18.17 19.21 19.43
N ALA B 162 -19.49 19.11 19.22
CA ALA B 162 -20.22 20.14 18.50
C ALA B 162 -20.20 21.49 19.20
N GLY B 163 -19.77 21.54 20.46
CA GLY B 163 -19.56 22.81 21.14
C GLY B 163 -18.39 23.62 20.62
N ARG B 164 -17.60 23.06 19.71
CA ARG B 164 -16.49 23.70 19.01
C ARG B 164 -15.30 24.03 19.91
N VAL B 165 -15.25 23.50 21.12
CA VAL B 165 -14.10 23.72 22.00
C VAL B 165 -13.21 22.50 22.03
N LEU B 166 -13.77 21.32 22.36
CA LEU B 166 -13.02 20.07 22.42
C LEU B 166 -13.16 19.32 21.11
N PRO B 167 -12.08 18.81 20.55
CA PRO B 167 -12.20 17.99 19.34
C PRO B 167 -12.77 16.62 19.68
N SER B 168 -13.42 15.99 18.70
CA SER B 168 -14.10 14.73 18.94
C SER B 168 -13.14 13.62 19.38
N CYS B 169 -11.88 13.66 18.94
CA CYS B 169 -10.88 12.70 19.37
C CYS B 169 -9.59 13.43 19.73
N GLN B 170 -8.85 12.89 20.72
CA GLN B 170 -7.55 13.47 21.05
C GLN B 170 -6.57 13.37 19.89
N ASP B 171 -6.67 12.31 19.08
CA ASP B 171 -5.83 12.18 17.90
C ASP B 171 -6.49 12.98 16.80
N THR B 172 -6.11 14.25 16.69
CA THR B 172 -6.65 15.08 15.63
C THR B 172 -6.02 14.80 14.26
N GLY B 173 -5.16 13.79 14.18
CA GLY B 173 -4.85 13.12 12.93
C GLY B 173 -3.73 13.74 12.10
N THR B 174 -3.41 13.03 11.02
CA THR B 174 -2.58 13.56 9.95
C THR B 174 -3.46 14.37 9.00
N ALA B 175 -2.98 15.55 8.60
CA ALA B 175 -3.71 16.38 7.65
C ALA B 175 -3.40 15.90 6.24
N ILE B 176 -4.42 15.39 5.55
CA ILE B 176 -4.29 14.91 4.19
C ILE B 176 -5.15 15.78 3.29
N VAL B 177 -4.57 16.22 2.17
CA VAL B 177 -5.30 17.02 1.18
C VAL B 177 -5.22 16.30 -0.16
N LEU B 178 -6.37 15.93 -0.70
CA LEU B 178 -6.48 15.56 -2.10
C LEU B 178 -7.01 16.78 -2.84
N GLY B 179 -6.21 17.34 -3.74
CA GLY B 179 -6.60 18.50 -4.50
C GLY B 179 -6.61 18.17 -5.98
N LYS B 180 -7.55 18.76 -6.71
CA LYS B 180 -7.65 18.56 -8.15
C LYS B 180 -7.73 19.94 -8.80
N ARG B 181 -6.59 20.41 -9.30
CA ARG B 181 -6.47 21.74 -9.88
C ARG B 181 -6.65 21.65 -11.38
N GLY B 182 -7.64 22.38 -11.90
CA GLY B 182 -7.88 22.37 -13.32
C GLY B 182 -6.73 22.99 -14.09
N GLU B 183 -6.59 22.56 -15.35
CA GLU B 183 -5.55 23.05 -16.23
C GLU B 183 -5.51 24.57 -16.24
N LEU B 184 -6.67 25.22 -16.21
CA LEU B 184 -6.76 26.67 -16.32
C LEU B 184 -7.19 27.31 -15.00
N CYS B 185 -6.83 26.67 -13.89
CA CYS B 185 -6.98 27.25 -12.56
C CYS B 185 -5.60 27.74 -12.12
N TRP B 186 -5.44 29.06 -12.03
CA TRP B 186 -4.13 29.69 -11.82
C TRP B 186 -4.07 30.26 -10.41
N THR B 187 -3.24 29.65 -9.58
CA THR B 187 -3.08 30.02 -8.18
C THR B 187 -1.78 30.77 -7.92
N GLY B 188 -0.87 30.83 -8.89
CA GLY B 188 0.49 31.26 -8.65
C GLY B 188 1.46 30.14 -8.35
N GLY B 189 0.95 28.92 -8.11
CA GLY B 189 1.79 27.74 -8.05
C GLY B 189 2.29 27.34 -6.68
N GLU B 190 2.10 28.18 -5.67
CA GLU B 190 2.59 27.87 -4.32
C GLU B 190 1.54 27.18 -3.46
N ASP B 191 0.79 26.25 -4.05
CA ASP B 191 -0.36 25.65 -3.37
C ASP B 191 0.04 24.95 -2.08
N GLU B 192 1.15 24.24 -2.12
CA GLU B 192 1.61 23.46 -0.98
C GLU B 192 1.84 24.32 0.25
N LYS B 193 2.49 25.47 0.05
CA LYS B 193 2.81 26.35 1.16
C LYS B 193 1.53 26.98 1.73
N TYR B 194 0.65 27.47 0.86
CA TYR B 194 -0.54 28.14 1.34
C TYR B 194 -1.51 27.17 2.01
N LEU B 195 -1.66 25.97 1.45
CA LEU B 195 -2.46 24.95 2.13
C LEU B 195 -1.85 24.59 3.47
N SER B 196 -0.53 24.47 3.53
CA SER B 196 0.13 24.12 4.78
C SER B 196 -0.03 25.22 5.82
N LYS B 197 -0.03 26.48 5.39
CA LYS B 197 -0.23 27.57 6.34
C LYS B 197 -1.63 27.52 6.94
N GLY B 198 -2.63 27.14 6.14
CA GLY B 198 -3.98 26.99 6.67
C GLY B 198 -4.08 25.82 7.64
N ILE B 199 -3.44 24.70 7.31
CA ILE B 199 -3.38 23.57 8.23
C ILE B 199 -2.65 23.97 9.50
N TRP B 200 -1.52 24.65 9.34
CA TRP B 200 -0.78 25.16 10.49
C TRP B 200 -1.67 26.01 11.38
N ASN B 201 -2.45 26.92 10.78
CA ASN B 201 -3.38 27.77 11.52
C ASN B 201 -4.37 26.94 12.33
N ALA B 202 -4.98 25.94 11.69
CA ALA B 202 -6.02 25.15 12.35
C ALA B 202 -5.48 24.43 13.58
N TYR B 203 -4.30 23.82 13.48
CA TYR B 203 -3.77 23.09 14.61
C TYR B 203 -3.09 23.99 15.62
N ARG B 204 -2.60 25.15 15.21
CA ARG B 204 -1.93 26.06 16.15
C ARG B 204 -2.94 26.81 17.01
N TYR B 205 -4.01 27.33 16.40
CA TYR B 205 -4.91 28.25 17.09
C TYR B 205 -6.17 27.59 17.62
N HIS B 206 -6.25 26.27 17.57
CA HIS B 206 -7.39 25.54 18.11
C HIS B 206 -6.88 24.46 19.06
N ASN B 207 -7.79 23.85 19.81
CA ASN B 207 -7.39 22.92 20.85
C ASN B 207 -7.16 21.53 20.27
N LEU B 208 -6.30 21.43 19.26
CA LEU B 208 -6.03 20.16 18.62
C LEU B 208 -4.70 19.61 19.17
N ARG B 209 -4.04 18.72 18.42
CA ARG B 209 -2.85 18.06 18.89
C ARG B 209 -1.79 18.02 17.79
N TYR B 210 -0.53 18.11 18.20
CA TYR B 210 0.59 17.96 17.28
C TYR B 210 1.02 16.49 17.30
N SER B 211 0.71 15.77 16.22
CA SER B 211 0.86 14.31 16.20
C SER B 211 2.00 13.83 15.30
N GLN B 212 2.69 14.72 14.59
CA GLN B 212 3.67 14.30 13.61
C GLN B 212 5.06 14.18 14.23
N THR B 213 5.75 13.08 13.90
CA THR B 213 7.05 12.74 14.47
C THR B 213 8.11 12.84 13.37
N ALA B 214 9.06 13.74 13.55
CA ALA B 214 10.14 13.91 12.59
C ALA B 214 11.29 12.98 12.92
N ALA B 215 11.93 12.44 11.88
CA ALA B 215 13.13 11.61 12.04
C ALA B 215 14.37 12.47 11.79
N LEU B 216 15.12 12.76 12.86
CA LEU B 216 16.38 13.49 12.70
C LEU B 216 17.46 12.58 12.13
N ASP B 217 17.45 11.30 12.48
CA ASP B 217 18.12 10.28 11.71
C ASP B 217 17.19 9.08 11.69
N MET B 218 17.73 7.90 11.34
CA MET B 218 16.89 6.71 11.22
C MET B 218 16.10 6.46 12.49
N PHE B 219 16.72 6.68 13.66
CA PHE B 219 16.12 6.33 14.94
C PHE B 219 15.88 7.50 15.87
N LYS B 220 16.58 8.62 15.72
CA LYS B 220 16.39 9.77 16.58
C LYS B 220 15.18 10.57 16.09
N GLU B 221 14.21 10.79 16.97
CA GLU B 221 12.94 11.40 16.58
C GLU B 221 12.62 12.59 17.47
N CYS B 222 11.80 13.50 16.94
CA CYS B 222 11.21 14.57 17.71
C CYS B 222 9.85 14.93 17.13
N ASN B 223 8.97 15.44 17.98
CA ASN B 223 7.69 15.96 17.50
C ASN B 223 7.92 17.25 16.73
N THR B 224 7.20 17.42 15.62
CA THR B 224 7.39 18.64 14.83
C THR B 224 6.80 19.87 15.50
N GLY B 225 5.91 19.69 16.49
CA GLY B 225 5.36 20.81 17.22
C GLY B 225 4.27 21.62 16.52
N ASP B 226 3.82 21.18 15.33
CA ASP B 226 2.78 21.94 14.66
C ASP B 226 1.86 21.08 13.81
N ASN B 227 1.97 19.76 13.89
CA ASN B 227 1.22 18.78 13.09
C ASN B 227 1.52 18.86 11.60
N LEU B 228 2.60 19.49 11.23
CA LEU B 228 3.13 19.39 9.88
C LEU B 228 4.28 18.38 9.88
N PRO B 229 4.65 17.83 8.72
CA PRO B 229 4.13 18.05 7.36
C PRO B 229 2.80 17.38 7.09
N ALA B 230 2.06 17.95 6.15
CA ALA B 230 0.83 17.35 5.66
C ALA B 230 1.13 16.44 4.47
N GLN B 231 0.17 15.59 4.14
CA GLN B 231 0.21 14.84 2.89
C GLN B 231 -0.58 15.62 1.85
N LEU B 232 0.11 16.12 0.83
CA LEU B 232 -0.48 17.03 -0.14
C LEU B 232 -0.43 16.36 -1.52
N ASP B 233 -1.56 15.82 -1.96
N ASP B 233 -1.56 15.81 -1.95
CA ASP B 233 -1.66 15.13 -3.24
CA ASP B 233 -1.70 15.13 -3.24
C ASP B 233 -2.49 16.02 -4.19
C ASP B 233 -2.50 16.06 -4.16
N LEU B 234 -1.80 16.85 -4.96
CA LEU B 234 -2.43 17.81 -5.85
C LEU B 234 -2.37 17.30 -7.28
N LEU B 235 -3.54 17.02 -7.86
CA LEU B 235 -3.65 16.40 -9.17
C LEU B 235 -3.96 17.43 -10.25
N ALA B 236 -3.51 17.14 -11.47
CA ALA B 236 -3.78 17.98 -12.63
C ALA B 236 -4.97 17.39 -13.38
N VAL B 237 -6.03 18.18 -13.55
CA VAL B 237 -7.29 17.69 -14.13
C VAL B 237 -7.83 18.71 -15.12
N PRO B 238 -8.85 18.39 -15.92
CA PRO B 238 -9.40 19.38 -16.86
C PRO B 238 -10.10 20.51 -16.14
N GLY B 239 -10.24 21.62 -16.85
CA GLY B 239 -11.10 22.71 -16.40
C GLY B 239 -10.35 23.85 -15.72
N SER B 240 -11.11 24.64 -14.96
CA SER B 240 -10.57 25.83 -14.33
C SER B 240 -10.97 25.96 -12.86
N ASP B 241 -11.48 24.91 -12.23
CA ASP B 241 -11.83 24.94 -10.83
C ASP B 241 -10.75 24.25 -10.01
N TYR B 242 -10.93 24.23 -8.70
CA TYR B 242 -10.04 23.55 -7.76
C TYR B 242 -10.93 22.77 -6.79
N GLU B 243 -10.85 21.45 -6.83
CA GLU B 243 -11.69 20.59 -6.01
C GLU B 243 -10.82 19.85 -4.99
N PHE B 244 -11.41 19.57 -3.82
CA PHE B 244 -10.64 19.07 -2.69
C PHE B 244 -11.41 17.99 -1.93
N LEU B 245 -10.65 17.05 -1.37
CA LEU B 245 -11.08 16.26 -0.24
C LEU B 245 -10.06 16.44 0.86
N PHE B 246 -10.49 16.95 2.01
CA PHE B 246 -9.64 17.09 3.18
C PHE B 246 -9.92 15.94 4.13
N ILE B 247 -8.86 15.31 4.64
CA ILE B 247 -8.99 14.20 5.57
C ILE B 247 -8.10 14.47 6.78
N ALA B 248 -8.69 14.44 7.97
CA ALA B 248 -7.94 14.44 9.23
C ALA B 248 -7.92 12.99 9.69
N LYS B 249 -6.88 12.27 9.28
CA LYS B 249 -6.83 10.82 9.40
C LYS B 249 -6.16 10.41 10.71
N GLY B 250 -6.91 9.72 11.57
CA GLY B 250 -6.33 9.22 12.80
C GLY B 250 -5.28 8.16 12.55
N GLY B 251 -4.28 8.11 13.44
CA GLY B 251 -3.23 7.11 13.32
C GLY B 251 -3.75 5.69 13.48
N GLY B 252 -4.73 5.49 14.37
CA GLY B 252 -5.22 4.15 14.63
C GLY B 252 -5.90 3.51 13.42
N SER B 253 -6.75 4.28 12.73
CA SER B 253 -7.36 3.75 11.52
C SER B 253 -6.38 3.73 10.36
N ALA B 254 -5.43 4.66 10.32
CA ALA B 254 -4.38 4.58 9.32
C ALA B 254 -3.58 3.29 9.46
N ASN B 255 -3.39 2.80 10.69
CA ASN B 255 -2.68 1.55 10.93
C ASN B 255 -3.46 0.34 10.41
N LYS B 256 -4.79 0.47 10.27
CA LYS B 256 -5.62 -0.62 9.77
C LYS B 256 -5.88 -0.48 8.28
N ALA B 257 -4.89 -0.02 7.53
CA ALA B 257 -4.91 -0.06 6.07
C ALA B 257 -3.91 -1.14 5.68
N TYR B 258 -4.42 -2.24 5.15
CA TYR B 258 -3.65 -3.44 4.87
C TYR B 258 -3.61 -3.72 3.38
N LEU B 259 -2.46 -4.16 2.89
CA LEU B 259 -2.28 -4.58 1.51
C LEU B 259 -1.97 -6.06 1.47
N TYR B 260 -2.69 -6.80 0.64
CA TYR B 260 -2.46 -8.22 0.41
C TYR B 260 -2.11 -8.44 -1.04
N GLN B 261 -1.11 -9.31 -1.28
CA GLN B 261 -0.72 -9.70 -2.63
C GLN B 261 -1.30 -11.08 -2.89
N GLU B 262 -2.41 -11.13 -3.63
CA GLU B 262 -3.15 -12.36 -3.85
C GLU B 262 -3.03 -12.78 -5.31
N THR B 263 -3.83 -13.78 -5.69
CA THR B 263 -3.77 -14.36 -7.04
C THR B 263 -5.18 -14.64 -7.54
N LYS B 264 -5.24 -15.06 -8.81
CA LYS B 264 -6.47 -15.53 -9.43
C LYS B 264 -7.15 -16.60 -8.60
N ALA B 265 -6.39 -17.37 -7.81
CA ALA B 265 -6.97 -18.43 -7.00
C ALA B 265 -7.94 -17.88 -5.95
N LEU B 266 -7.81 -16.60 -5.58
CA LEU B 266 -8.74 -15.97 -4.68
C LEU B 266 -10.08 -15.66 -5.34
N LEU B 267 -10.10 -15.53 -6.65
CA LEU B 267 -11.22 -14.86 -7.34
C LEU B 267 -12.32 -15.87 -7.69
N ASN B 268 -12.94 -16.39 -6.63
CA ASN B 268 -14.14 -17.21 -6.71
C ASN B 268 -14.93 -17.01 -5.43
N PRO B 269 -16.24 -17.29 -5.43
CA PRO B 269 -17.07 -16.93 -4.25
C PRO B 269 -16.62 -17.58 -2.95
N LYS B 270 -16.27 -18.86 -2.95
CA LYS B 270 -15.89 -19.52 -1.70
C LYS B 270 -14.59 -18.94 -1.14
N SER B 271 -13.58 -18.78 -2.00
CA SER B 271 -12.30 -18.25 -1.53
C SER B 271 -12.43 -16.81 -1.07
N LEU B 272 -13.15 -15.97 -1.83
CA LEU B 272 -13.27 -14.57 -1.44
C LEU B 272 -14.01 -14.41 -0.12
N ARG B 273 -15.06 -15.20 0.08
CA ARG B 273 -15.82 -15.13 1.34
C ARG B 273 -14.96 -15.54 2.52
N ALA B 274 -14.22 -16.65 2.38
CA ALA B 274 -13.32 -17.09 3.45
C ALA B 274 -12.23 -16.06 3.69
N PHE B 275 -11.72 -15.44 2.63
CA PHE B 275 -10.71 -14.39 2.77
C PHE B 275 -11.25 -13.22 3.58
N ILE B 276 -12.47 -12.78 3.26
CA ILE B 276 -13.06 -11.65 3.97
C ILE B 276 -13.26 -11.98 5.45
N GLU B 277 -13.76 -13.19 5.74
N GLU B 277 -13.75 -13.19 5.74
CA GLU B 277 -13.92 -13.59 7.13
CA GLU B 277 -13.92 -13.61 7.12
C GLU B 277 -12.60 -13.55 7.87
C GLU B 277 -12.60 -13.58 7.88
N GLU B 278 -11.53 -14.06 7.24
CA GLU B 278 -10.23 -14.07 7.89
C GLU B 278 -9.69 -12.65 8.13
N LYS B 279 -9.76 -11.79 7.12
CA LYS B 279 -9.08 -10.50 7.26
C LYS B 279 -9.83 -9.53 8.15
N LEU B 280 -11.17 -9.55 8.15
CA LEU B 280 -11.92 -8.62 9.01
C LEU B 280 -11.53 -8.80 10.47
N LYS B 281 -11.28 -10.04 10.89
CA LYS B 281 -10.87 -10.29 12.27
C LYS B 281 -9.53 -9.63 12.60
N THR B 282 -8.62 -9.52 11.62
CA THR B 282 -7.34 -8.89 11.90
C THR B 282 -7.48 -7.39 12.11
N LEU B 283 -8.60 -6.80 11.73
CA LEU B 283 -8.86 -5.42 12.11
C LEU B 283 -9.08 -5.30 13.61
N GLY B 284 -9.70 -6.31 14.22
CA GLY B 284 -10.04 -6.29 15.63
C GLY B 284 -10.85 -5.06 15.98
N THR B 285 -10.70 -4.63 17.24
CA THR B 285 -11.28 -3.40 17.75
C THR B 285 -10.24 -2.30 17.87
N ALA B 286 -9.07 -2.47 17.23
CA ALA B 286 -7.94 -1.57 17.45
C ALA B 286 -8.09 -0.22 16.76
N ALA B 287 -9.08 -0.03 15.91
CA ALA B 287 -9.32 1.27 15.30
C ALA B 287 -10.73 1.79 15.64
N CYS B 288 -11.20 1.48 16.85
CA CYS B 288 -12.41 2.07 17.41
C CYS B 288 -13.64 1.90 16.51
N PRO B 289 -14.11 0.67 16.30
CA PRO B 289 -15.36 0.46 15.55
C PRO B 289 -16.54 1.09 16.28
N PRO B 290 -17.72 1.18 15.66
CA PRO B 290 -18.15 0.75 14.31
C PRO B 290 -17.31 1.34 13.18
N TYR B 291 -16.95 0.49 12.22
CA TYR B 291 -16.12 0.87 11.09
C TYR B 291 -16.95 1.18 9.86
N HIS B 292 -16.46 2.12 9.06
CA HIS B 292 -16.72 2.13 7.62
C HIS B 292 -15.65 1.23 7.00
N ILE B 293 -16.06 0.10 6.44
CA ILE B 293 -15.11 -0.88 5.91
C ILE B 293 -15.01 -0.72 4.40
N ALA B 294 -13.79 -0.56 3.90
CA ALA B 294 -13.52 -0.47 2.48
C ALA B 294 -12.67 -1.65 2.06
N LEU B 295 -13.06 -2.30 0.96
CA LEU B 295 -12.35 -3.43 0.40
C LEU B 295 -12.18 -3.21 -1.09
N VAL B 296 -10.94 -3.29 -1.56
CA VAL B 296 -10.63 -3.07 -2.98
C VAL B 296 -9.95 -4.33 -3.52
N ILE B 297 -10.57 -4.93 -4.54
CA ILE B 297 -10.07 -6.14 -5.17
C ILE B 297 -9.45 -5.75 -6.51
N GLY B 298 -8.14 -5.94 -6.64
CA GLY B 298 -7.44 -5.60 -7.86
C GLY B 298 -6.77 -4.23 -7.77
N GLY B 299 -6.25 -3.79 -8.90
CA GLY B 299 -5.58 -2.51 -9.01
C GLY B 299 -4.36 -2.60 -9.90
N THR B 300 -3.95 -1.45 -10.43
CA THR B 300 -2.81 -1.40 -11.35
C THR B 300 -1.46 -1.38 -10.64
N SER B 301 -1.45 -1.23 -9.32
CA SER B 301 -0.26 -1.27 -8.50
C SER B 301 -0.70 -1.22 -7.05
N ALA B 302 0.23 -1.58 -6.15
CA ALA B 302 -0.06 -1.55 -4.72
C ALA B 302 -0.49 -0.16 -4.27
N GLU B 303 0.24 0.87 -4.69
CA GLU B 303 -0.06 2.22 -4.24
C GLU B 303 -1.41 2.70 -4.79
N MET B 304 -1.75 2.28 -6.00
CA MET B 304 -3.05 2.63 -6.57
C MET B 304 -4.18 1.92 -5.81
N THR B 305 -3.96 0.65 -5.47
CA THR B 305 -4.94 -0.10 -4.68
C THR B 305 -5.16 0.54 -3.31
N MET B 306 -4.07 0.95 -2.64
CA MET B 306 -4.20 1.51 -1.30
C MET B 306 -4.79 2.91 -1.33
N LYS B 307 -4.48 3.71 -2.36
CA LYS B 307 -5.13 5.01 -2.49
C LYS B 307 -6.62 4.85 -2.71
N THR B 308 -7.01 3.87 -3.53
CA THR B 308 -8.42 3.63 -3.81
C THR B 308 -9.15 3.19 -2.55
N VAL B 309 -8.54 2.31 -1.75
CA VAL B 309 -9.25 1.84 -0.56
C VAL B 309 -9.38 2.96 0.46
N LYS B 310 -8.40 3.86 0.54
CA LYS B 310 -8.54 5.04 1.39
C LYS B 310 -9.73 5.88 0.96
N LEU B 311 -9.82 6.18 -0.34
CA LEU B 311 -10.90 7.02 -0.84
C LEU B 311 -12.24 6.33 -0.72
N ALA B 312 -12.27 5.01 -0.95
CA ALA B 312 -13.51 4.27 -0.73
C ALA B 312 -13.99 4.42 0.71
N SER B 313 -13.06 4.35 1.68
CA SER B 313 -13.46 4.46 3.08
C SER B 313 -14.02 5.83 3.42
N CYS B 314 -13.65 6.86 2.66
CA CYS B 314 -14.19 8.20 2.79
C CYS B 314 -15.47 8.40 1.97
N ARG B 315 -15.99 7.33 1.38
CA ARG B 315 -17.18 7.37 0.52
C ARG B 315 -17.01 8.31 -0.66
N TYR B 316 -15.76 8.50 -1.07
CA TYR B 316 -15.44 9.37 -2.21
C TYR B 316 -15.89 8.76 -3.53
N TYR B 317 -16.01 7.43 -3.60
CA TYR B 317 -16.32 6.72 -4.83
C TYR B 317 -17.73 6.14 -4.83
N ASP B 318 -18.64 6.70 -4.05
CA ASP B 318 -19.98 6.13 -3.92
C ASP B 318 -20.77 6.17 -5.22
N SER B 319 -20.46 7.08 -6.14
CA SER B 319 -21.24 7.19 -7.37
C SER B 319 -20.64 6.43 -8.54
N LEU B 320 -19.64 5.56 -8.30
CA LEU B 320 -19.09 4.74 -9.37
C LEU B 320 -20.18 3.86 -9.97
N PRO B 321 -20.00 3.42 -11.21
CA PRO B 321 -20.91 2.41 -11.76
C PRO B 321 -20.85 1.13 -10.93
N THR B 322 -21.84 0.27 -11.11
CA THR B 322 -21.93 -0.97 -10.36
C THR B 322 -21.71 -2.21 -11.24
N THR B 323 -21.25 -2.02 -12.47
CA THR B 323 -20.93 -3.13 -13.36
C THR B 323 -19.62 -2.81 -14.06
N GLY B 324 -18.84 -3.86 -14.38
CA GLY B 324 -17.64 -3.70 -15.16
C GLY B 324 -17.92 -3.73 -16.66
N ASP B 325 -16.86 -3.56 -17.44
CA ASP B 325 -16.96 -3.69 -18.90
C ASP B 325 -15.63 -4.18 -19.43
N LYS B 326 -15.57 -4.37 -20.75
CA LYS B 326 -14.38 -4.94 -21.36
C LYS B 326 -13.22 -3.98 -21.39
N TYR B 327 -13.40 -2.73 -20.97
CA TYR B 327 -12.32 -1.76 -20.89
C TYR B 327 -11.71 -1.68 -19.49
N GLY B 328 -12.23 -2.43 -18.53
CA GLY B 328 -11.60 -2.52 -17.23
C GLY B 328 -11.92 -1.41 -16.27
N ARG B 329 -13.07 -0.76 -16.42
CA ARG B 329 -13.43 0.33 -15.53
C ARG B 329 -13.68 -0.19 -14.12
N ALA B 330 -13.39 0.66 -13.14
CA ALA B 330 -13.72 0.35 -11.75
C ALA B 330 -15.22 0.30 -11.54
N PHE B 331 -15.67 -0.52 -10.59
CA PHE B 331 -17.07 -0.48 -10.22
C PHE B 331 -17.23 -0.82 -8.74
N ARG B 332 -18.25 -0.22 -8.14
CA ARG B 332 -18.72 -0.60 -6.82
C ARG B 332 -19.53 -1.88 -6.92
N ASP B 333 -19.40 -2.76 -5.93
CA ASP B 333 -20.09 -4.05 -5.95
C ASP B 333 -21.03 -4.15 -4.75
N PRO B 334 -22.30 -3.80 -4.91
CA PRO B 334 -23.23 -3.86 -3.77
C PRO B 334 -23.45 -5.26 -3.23
N GLU B 335 -23.42 -6.29 -4.08
CA GLU B 335 -23.62 -7.65 -3.59
C GLU B 335 -22.55 -8.02 -2.56
N TRP B 336 -21.29 -7.72 -2.88
CA TRP B 336 -20.22 -8.07 -1.96
C TRP B 336 -20.10 -7.09 -0.80
N GLU B 337 -20.59 -5.85 -0.98
CA GLU B 337 -20.76 -4.96 0.18
C GLU B 337 -21.71 -5.59 1.19
N LYS B 338 -22.81 -6.17 0.72
CA LYS B 338 -23.74 -6.86 1.62
C LYS B 338 -23.07 -8.06 2.28
N ILE B 339 -22.24 -8.79 1.52
CA ILE B 339 -21.55 -9.94 2.12
C ILE B 339 -20.57 -9.48 3.19
N VAL B 340 -19.84 -8.39 2.93
CA VAL B 340 -18.93 -7.84 3.95
C VAL B 340 -19.71 -7.47 5.21
N MET B 341 -20.87 -6.83 5.04
CA MET B 341 -21.67 -6.45 6.19
C MET B 341 -22.18 -7.68 6.94
N GLU B 342 -22.57 -8.73 6.21
CA GLU B 342 -23.01 -9.97 6.85
C GLU B 342 -21.88 -10.63 7.63
N VAL B 343 -20.69 -10.67 7.04
CA VAL B 343 -19.54 -11.21 7.75
C VAL B 343 -19.25 -10.37 8.99
N ALA B 344 -19.28 -9.04 8.85
CA ALA B 344 -19.02 -8.17 9.99
C ALA B 344 -20.04 -8.38 11.10
N GLN B 345 -21.32 -8.48 10.75
CA GLN B 345 -22.35 -8.59 11.76
C GLN B 345 -22.29 -9.96 12.45
N LYS B 346 -22.14 -11.03 11.67
CA LYS B 346 -22.12 -12.37 12.23
C LYS B 346 -20.83 -12.68 12.99
N SER B 347 -19.79 -11.86 12.81
CA SER B 347 -18.54 -12.10 13.53
C SER B 347 -18.71 -12.00 15.03
N GLY B 348 -19.73 -11.28 15.50
CA GLY B 348 -19.92 -11.07 16.92
C GLY B 348 -18.96 -10.09 17.55
N ILE B 349 -18.03 -9.52 16.78
CA ILE B 349 -17.04 -8.62 17.38
C ILE B 349 -17.71 -7.39 17.96
N GLY B 350 -18.70 -6.83 17.23
CA GLY B 350 -19.54 -5.78 17.76
C GLY B 350 -18.87 -4.41 17.76
N ALA B 351 -19.60 -3.44 18.31
CA ALA B 351 -19.07 -2.09 18.47
C ALA B 351 -18.13 -2.07 19.67
N GLN B 352 -16.96 -2.70 19.47
CA GLN B 352 -15.81 -2.71 20.37
C GLN B 352 -15.88 -3.80 21.45
N PHE B 353 -17.09 -4.20 21.88
CA PHE B 353 -17.15 -5.09 23.05
C PHE B 353 -18.20 -6.19 22.88
N GLY B 354 -18.29 -6.75 21.68
CA GLY B 354 -19.19 -7.86 21.44
C GLY B 354 -20.56 -7.41 20.99
N GLY B 355 -21.02 -7.95 19.88
CA GLY B 355 -22.34 -7.60 19.39
C GLY B 355 -22.38 -7.65 17.88
N LYS B 356 -23.25 -6.83 17.31
CA LYS B 356 -23.53 -6.83 15.89
C LYS B 356 -22.84 -5.70 15.12
N TYR B 357 -22.50 -4.61 15.78
CA TYR B 357 -22.16 -3.37 15.06
C TYR B 357 -20.66 -3.16 14.93
N PHE B 358 -20.00 -4.20 14.43
CA PHE B 358 -18.62 -4.09 13.99
C PHE B 358 -18.46 -3.04 12.90
N ALA B 359 -19.46 -2.90 12.03
CA ALA B 359 -19.35 -2.02 10.88
C ALA B 359 -20.59 -1.14 10.73
N HIS B 360 -20.34 0.13 10.38
CA HIS B 360 -21.40 1.04 9.94
C HIS B 360 -21.97 0.63 8.60
N GLN B 361 -21.08 0.35 7.64
CA GLN B 361 -21.41 0.15 6.24
C GLN B 361 -20.14 -0.35 5.57
N ALA B 362 -20.28 -0.81 4.33
CA ALA B 362 -19.16 -1.35 3.59
C ALA B 362 -19.12 -0.74 2.20
N ARG B 363 -17.90 -0.61 1.67
CA ARG B 363 -17.67 -0.23 0.28
C ARG B 363 -16.73 -1.26 -0.33
N VAL B 364 -17.12 -1.82 -1.48
CA VAL B 364 -16.30 -2.78 -2.18
C VAL B 364 -16.12 -2.29 -3.61
N ILE B 365 -14.87 -2.10 -4.02
CA ILE B 365 -14.55 -1.64 -5.36
C ILE B 365 -13.71 -2.71 -6.05
N ARG B 366 -14.15 -3.11 -7.24
CA ARG B 366 -13.42 -4.04 -8.08
C ARG B 366 -12.65 -3.27 -9.14
N LEU B 367 -11.35 -3.54 -9.23
CA LEU B 367 -10.46 -2.83 -10.13
C LEU B 367 -9.87 -3.79 -11.17
N PRO B 368 -9.39 -3.28 -12.29
CA PRO B 368 -8.64 -4.13 -13.23
C PRO B 368 -7.31 -4.56 -12.63
N ARG B 369 -6.71 -5.58 -13.23
CA ARG B 369 -5.47 -6.13 -12.70
C ARG B 369 -4.63 -6.68 -13.84
N HIS B 370 -3.30 -6.61 -13.66
CA HIS B 370 -2.38 -7.38 -14.48
C HIS B 370 -2.66 -8.87 -14.28
N GLY B 371 -2.60 -9.64 -15.37
CA GLY B 371 -2.90 -11.07 -15.29
C GLY B 371 -2.11 -11.80 -14.22
N ALA B 372 -0.88 -11.38 -13.96
CA ALA B 372 -0.05 -12.07 -12.97
C ALA B 372 -0.27 -11.55 -11.55
N SER B 373 -1.17 -10.58 -11.36
CA SER B 373 -1.26 -9.84 -10.10
C SER B 373 -2.71 -9.79 -9.61
N CYS B 374 -2.86 -9.69 -8.29
CA CYS B 374 -4.14 -9.34 -7.69
C CYS B 374 -3.89 -8.69 -6.33
N PRO B 375 -3.48 -7.42 -6.32
CA PRO B 375 -3.39 -6.70 -5.06
C PRO B 375 -4.78 -6.49 -4.47
N VAL B 376 -4.85 -6.51 -3.14
CA VAL B 376 -6.10 -6.33 -2.41
C VAL B 376 -5.83 -5.37 -1.25
N GLY B 377 -6.71 -4.39 -1.08
CA GLY B 377 -6.60 -3.43 0.00
C GLY B 377 -7.80 -3.49 0.92
N LEU B 378 -7.54 -3.43 2.22
CA LEU B 378 -8.59 -3.37 3.24
C LEU B 378 -8.26 -2.24 4.19
N ALA B 379 -9.23 -1.36 4.42
CA ALA B 379 -9.01 -0.22 5.29
C ALA B 379 -10.33 0.20 5.92
N VAL B 380 -10.24 0.96 7.02
CA VAL B 380 -11.43 1.41 7.73
C VAL B 380 -11.37 2.92 7.94
N SER B 381 -12.54 3.52 8.07
CA SER B 381 -12.66 4.80 8.73
C SER B 381 -13.18 4.52 10.13
N CYS B 382 -12.55 5.12 11.13
CA CYS B 382 -12.81 4.84 12.53
C CYS B 382 -13.92 5.74 13.07
N SER B 383 -14.13 5.71 14.38
CA SER B 383 -15.14 6.56 15.01
C SER B 383 -14.86 8.04 14.76
N ALA B 384 -13.58 8.43 14.65
CA ALA B 384 -13.22 9.79 14.26
C ALA B 384 -13.21 9.89 12.73
N ASP B 385 -14.41 9.74 12.17
CA ASP B 385 -14.64 9.74 10.73
C ASP B 385 -14.62 11.20 10.26
N ARG B 386 -13.50 11.63 9.68
CA ARG B 386 -13.25 13.05 9.47
C ARG B 386 -12.79 13.30 8.04
N GLN B 387 -13.72 13.71 7.18
CA GLN B 387 -13.37 14.18 5.85
C GLN B 387 -14.33 15.29 5.45
N ILE B 388 -13.86 16.20 4.61
CA ILE B 388 -14.64 17.35 4.18
C ILE B 388 -14.34 17.60 2.70
N LEU B 389 -15.38 17.64 1.87
CA LEU B 389 -15.24 18.02 0.48
C LEU B 389 -15.29 19.54 0.34
N ALA B 390 -14.67 20.06 -0.72
CA ALA B 390 -14.67 21.49 -0.95
C ALA B 390 -14.32 21.77 -2.41
N HIS B 391 -14.62 23.00 -2.85
CA HIS B 391 -14.19 23.41 -4.18
C HIS B 391 -14.11 24.93 -4.26
N ILE B 392 -13.25 25.40 -5.16
CA ILE B 392 -13.12 26.81 -5.50
C ILE B 392 -13.53 26.97 -6.96
N ASN B 393 -14.42 27.92 -7.22
CA ASN B 393 -14.89 28.18 -8.58
C ASN B 393 -15.12 29.68 -8.73
N LYS B 394 -15.78 30.07 -9.83
CA LYS B 394 -15.97 31.49 -10.12
C LYS B 394 -16.84 32.19 -9.08
N SER B 395 -17.58 31.44 -8.27
CA SER B 395 -18.42 32.04 -7.25
C SER B 395 -17.75 32.12 -5.88
N GLY B 396 -16.61 31.48 -5.70
CA GLY B 396 -15.90 31.57 -4.44
C GLY B 396 -15.49 30.23 -3.86
N ILE B 397 -15.45 30.16 -2.54
CA ILE B 397 -14.99 29.00 -1.80
C ILE B 397 -16.21 28.29 -1.22
N TYR B 398 -16.36 27.01 -1.53
CA TYR B 398 -17.45 26.21 -1.00
C TYR B 398 -16.89 25.04 -0.19
N ILE B 399 -17.52 24.77 0.96
CA ILE B 399 -17.06 23.71 1.84
C ILE B 399 -18.26 22.86 2.27
N GLU B 400 -18.07 21.54 2.31
CA GLU B 400 -19.13 20.62 2.67
C GLU B 400 -19.73 20.96 4.03
N GLN B 401 -21.06 20.93 4.09
CA GLN B 401 -21.79 21.20 5.32
C GLN B 401 -21.95 19.91 6.11
N LEU B 402 -21.40 19.88 7.32
CA LEU B 402 -21.53 18.73 8.21
C LEU B 402 -22.69 18.95 9.18
N GLU B 403 -23.00 17.92 9.97
CA GLU B 403 -24.19 17.97 10.82
C GLU B 403 -23.86 18.70 12.11
N GLN B 404 -24.51 19.84 12.33
CA GLN B 404 -24.20 20.69 13.48
C GLN B 404 -25.06 20.38 14.69
N ASN B 405 -26.09 19.54 14.55
CA ASN B 405 -26.94 19.13 15.67
C ASN B 405 -26.94 17.60 15.77
N PRO B 406 -25.85 17.00 16.23
CA PRO B 406 -25.85 15.53 16.39
C PRO B 406 -26.84 15.02 17.43
N ALA B 407 -27.30 15.88 18.34
CA ALA B 407 -28.19 15.42 19.40
C ALA B 407 -29.49 14.85 18.86
N GLN B 408 -29.91 15.25 17.65
CA GLN B 408 -31.15 14.73 17.10
C GLN B 408 -31.07 13.22 16.82
N TYR B 409 -29.87 12.66 16.74
CA TYR B 409 -29.71 11.23 16.50
C TYR B 409 -29.76 10.40 17.78
N LEU B 410 -29.80 11.07 18.92
CA LEU B 410 -29.88 10.43 20.21
C LEU B 410 -31.34 10.10 20.51
N PRO B 411 -31.66 8.88 20.93
CA PRO B 411 -33.06 8.52 21.15
C PRO B 411 -33.65 9.23 22.35
N ASP B 412 -34.97 9.42 22.29
CA ASP B 412 -35.71 10.07 23.38
C ASP B 412 -35.83 9.20 24.61
N ILE B 413 -35.53 7.90 24.52
CA ILE B 413 -35.59 7.01 25.66
C ILE B 413 -34.23 6.97 26.35
N THR B 421 -25.02 -1.64 37.37
CA THR B 421 -24.61 -2.20 36.09
C THR B 421 -23.10 -2.13 35.87
N SER B 422 -22.37 -1.55 36.82
CA SER B 422 -20.91 -1.48 36.73
C SER B 422 -20.31 -1.51 38.13
N VAL B 423 -19.04 -1.88 38.18
CA VAL B 423 -18.30 -2.05 39.43
C VAL B 423 -17.46 -0.81 39.69
N LYS B 424 -17.64 -0.20 40.85
CA LYS B 424 -16.85 0.97 41.23
C LYS B 424 -15.47 0.52 41.70
N VAL B 425 -14.43 1.03 41.05
CA VAL B 425 -13.05 0.66 41.37
C VAL B 425 -12.34 1.92 41.86
N ASP B 426 -11.95 1.91 43.13
CA ASP B 426 -11.22 3.03 43.73
C ASP B 426 -9.73 2.82 43.49
N LEU B 427 -9.12 3.69 42.69
CA LEU B 427 -7.70 3.60 42.40
C LEU B 427 -6.84 4.22 43.48
N LYS B 428 -7.45 4.94 44.42
CA LYS B 428 -6.72 5.62 45.50
C LYS B 428 -6.40 4.65 46.63
N ARG B 429 -5.87 3.50 46.26
CA ARG B 429 -5.54 2.42 47.19
C ARG B 429 -4.19 1.86 46.79
N PRO B 430 -3.54 1.05 47.62
CA PRO B 430 -2.39 0.29 47.14
C PRO B 430 -2.77 -0.50 45.89
N ILE B 431 -1.85 -0.54 44.92
CA ILE B 431 -2.20 -1.17 43.65
C ILE B 431 -2.49 -2.66 43.84
N ASP B 432 -1.90 -3.27 44.86
CA ASP B 432 -2.19 -4.67 45.12
C ASP B 432 -3.63 -4.87 45.59
N LYS B 433 -4.21 -3.89 46.28
CA LYS B 433 -5.63 -3.95 46.63
C LYS B 433 -6.50 -3.80 45.39
N VAL B 434 -6.08 -2.95 44.45
CA VAL B 434 -6.84 -2.80 43.21
C VAL B 434 -6.80 -4.11 42.42
N ARG B 435 -5.63 -4.73 42.32
CA ARG B 435 -5.52 -6.02 41.66
C ARG B 435 -6.41 -7.06 42.33
N GLN B 436 -6.44 -7.06 43.66
CA GLN B 436 -7.28 -8.01 44.39
C GLN B 436 -8.75 -7.82 44.03
N GLN B 437 -9.22 -6.57 44.00
CA GLN B 437 -10.62 -6.34 43.65
C GLN B 437 -10.91 -6.79 42.22
N LEU B 438 -10.05 -6.40 41.27
CA LEU B 438 -10.27 -6.79 39.87
C LEU B 438 -10.28 -8.31 39.71
N SER B 439 -9.51 -9.02 40.52
CA SER B 439 -9.42 -10.47 40.43
C SER B 439 -10.75 -11.15 40.76
N GLN B 440 -11.67 -10.46 41.42
N GLN B 440 -11.67 -10.45 41.43
CA GLN B 440 -12.95 -11.05 41.80
CA GLN B 440 -12.96 -11.01 41.81
C GLN B 440 -13.97 -11.02 40.67
C GLN B 440 -13.94 -11.11 40.65
N TYR B 441 -13.63 -10.52 39.49
CA TYR B 441 -14.60 -10.37 38.42
C TYR B 441 -14.14 -11.02 37.11
N PRO B 442 -15.06 -11.54 36.32
CA PRO B 442 -14.70 -12.11 35.01
C PRO B 442 -14.46 -11.03 33.97
N VAL B 443 -13.85 -11.45 32.85
CA VAL B 443 -13.67 -10.54 31.72
C VAL B 443 -15.06 -10.16 31.17
N GLY B 444 -15.14 -8.97 30.60
CA GLY B 444 -16.42 -8.41 30.18
C GLY B 444 -17.14 -7.61 31.23
N THR B 445 -16.68 -7.66 32.48
CA THR B 445 -17.24 -6.84 33.54
C THR B 445 -16.93 -5.37 33.27
N ARG B 446 -17.94 -4.52 33.38
CA ARG B 446 -17.76 -3.08 33.23
C ARG B 446 -17.39 -2.47 34.58
N VAL B 447 -16.36 -1.62 34.58
CA VAL B 447 -15.89 -0.97 35.79
C VAL B 447 -15.93 0.54 35.59
N MET B 448 -15.91 1.26 36.71
CA MET B 448 -15.82 2.71 36.76
C MET B 448 -14.63 3.08 37.62
N LEU B 449 -13.62 3.70 37.02
CA LEU B 449 -12.37 3.98 37.70
C LEU B 449 -12.39 5.35 38.35
N ASN B 450 -11.89 5.43 39.59
CA ASN B 450 -11.81 6.68 40.34
C ASN B 450 -10.45 6.79 40.99
N GLY B 451 -9.63 7.72 40.50
CA GLY B 451 -8.33 7.96 41.11
C GLY B 451 -7.25 8.30 40.11
N THR B 452 -6.01 8.00 40.46
CA THR B 452 -4.85 8.41 39.68
C THR B 452 -4.53 7.40 38.57
N LEU B 453 -4.26 7.91 37.38
CA LEU B 453 -3.68 7.13 36.29
C LEU B 453 -2.33 7.73 35.92
N ILE B 454 -1.36 6.86 35.63
CA ILE B 454 -0.09 7.29 35.07
C ILE B 454 -0.17 7.04 33.56
N VAL B 455 0.12 8.07 32.77
CA VAL B 455 -0.12 8.06 31.32
C VAL B 455 1.21 7.94 30.59
N ALA B 456 1.32 6.94 29.73
CA ALA B 456 2.51 6.71 28.92
C ALA B 456 2.16 5.85 27.73
N ARG B 457 2.70 6.20 26.56
CA ARG B 457 2.47 5.39 25.35
C ARG B 457 3.79 5.01 24.67
N ASP B 458 3.82 5.10 23.33
CA ASP B 458 4.83 4.40 22.55
C ASP B 458 6.25 4.85 22.89
N ILE B 459 6.52 6.15 22.81
CA ILE B 459 7.89 6.63 22.97
C ILE B 459 8.34 6.55 24.43
N ALA B 460 7.45 6.86 25.37
CA ALA B 460 7.80 6.74 26.78
C ALA B 460 8.13 5.29 27.14
N HIS B 461 7.36 4.33 26.60
CA HIS B 461 7.68 2.92 26.86
C HIS B 461 9.04 2.54 26.28
N ALA B 462 9.34 2.99 25.06
CA ALA B 462 10.63 2.67 24.46
C ALA B 462 11.77 3.32 25.25
N LYS B 463 11.58 4.56 25.70
CA LYS B 463 12.62 5.23 26.49
C LYS B 463 12.84 4.50 27.81
N ILE B 464 11.77 4.01 28.45
CA ILE B 464 11.92 3.34 29.73
C ILE B 464 12.62 1.98 29.56
N LYS B 465 12.24 1.22 28.53
CA LYS B 465 12.94 -0.03 28.25
C LYS B 465 14.41 0.23 27.97
N GLU B 466 14.72 1.29 27.22
CA GLU B 466 16.10 1.64 26.95
C GLU B 466 16.87 1.91 28.24
N MET B 467 16.25 2.60 29.20
CA MET B 467 16.89 2.81 30.49
C MET B 467 17.15 1.49 31.19
N MET B 468 16.18 0.57 31.15
CA MET B 468 16.36 -0.72 31.83
C MET B 468 17.42 -1.56 31.14
N ASP B 469 17.47 -1.51 29.80
CA ASP B 469 18.55 -2.18 29.07
C ASP B 469 19.92 -1.65 29.44
N ASN B 470 19.99 -0.41 29.94
CA ASN B 470 21.23 0.19 30.39
C ASN B 470 21.43 0.04 31.89
N GLY B 471 20.68 -0.86 32.52
CA GLY B 471 20.87 -1.19 33.92
C GLY B 471 19.97 -0.44 34.90
N GLU B 472 19.25 0.56 34.44
CA GLU B 472 18.43 1.36 35.36
C GLU B 472 17.17 0.59 35.76
N PRO B 473 16.62 0.90 36.92
CA PRO B 473 15.36 0.25 37.34
C PRO B 473 14.17 0.84 36.62
N LEU B 474 13.11 0.04 36.53
CA LEU B 474 11.82 0.58 36.13
C LEU B 474 11.45 1.72 37.08
N PRO B 475 11.12 2.90 36.56
CA PRO B 475 10.86 4.04 37.46
C PRO B 475 9.69 3.75 38.38
N GLU B 476 9.79 4.31 39.60
CA GLU B 476 8.77 4.12 40.62
C GLU B 476 7.38 4.51 40.12
N TYR B 477 7.31 5.57 39.30
CA TYR B 477 5.99 6.03 38.85
C TYR B 477 5.30 5.06 37.91
N MET B 478 5.99 4.00 37.46
CA MET B 478 5.35 2.94 36.67
C MET B 478 4.79 1.83 37.54
N LYS B 479 4.92 1.92 38.86
CA LYS B 479 4.48 0.86 39.75
C LYS B 479 3.37 1.26 40.72
N THR B 480 3.00 2.54 40.78
CA THR B 480 2.08 3.01 41.81
C THR B 480 0.62 3.06 41.36
N SER B 481 0.37 3.12 40.05
CA SER B 481 -0.96 3.37 39.52
C SER B 481 -1.13 2.59 38.23
N PRO B 482 -2.36 2.33 37.80
CA PRO B 482 -2.57 1.77 36.45
C PRO B 482 -1.97 2.68 35.38
N ILE B 483 -1.52 2.07 34.29
CA ILE B 483 -0.91 2.79 33.17
C ILE B 483 -1.97 3.02 32.11
N TYR B 484 -2.26 4.28 31.83
CA TYR B 484 -3.19 4.69 30.79
C TYR B 484 -2.38 5.01 29.54
N TYR B 485 -2.57 4.24 28.46
CA TYR B 485 -1.91 4.55 27.20
C TYR B 485 -2.70 5.64 26.49
N ALA B 486 -2.18 6.87 26.48
CA ALA B 486 -2.91 7.97 25.87
C ALA B 486 -1.96 9.15 25.65
N GLY B 487 -2.36 10.04 24.74
CA GLY B 487 -1.69 11.31 24.55
C GLY B 487 -2.69 12.43 24.30
N PRO B 488 -2.70 13.44 25.16
CA PRO B 488 -3.80 14.42 25.14
C PRO B 488 -3.64 15.47 24.04
N ALA B 489 -4.78 15.95 23.57
CA ALA B 489 -4.80 17.18 22.79
C ALA B 489 -4.63 18.37 23.73
N LYS B 490 -4.45 19.56 23.15
CA LYS B 490 -4.16 20.75 23.96
C LYS B 490 -5.37 21.14 24.82
N THR B 491 -5.06 21.71 25.98
CA THR B 491 -6.09 22.04 26.97
C THR B 491 -6.73 23.40 26.67
N PRO B 492 -8.04 23.46 26.47
CA PRO B 492 -8.71 24.76 26.30
C PRO B 492 -8.59 25.61 27.56
N GLU B 493 -8.55 26.93 27.36
CA GLU B 493 -8.52 27.86 28.48
C GLU B 493 -9.71 27.61 29.40
N GLY B 494 -9.43 27.53 30.70
CA GLY B 494 -10.46 27.27 31.68
C GLY B 494 -10.89 25.83 31.83
N TYR B 495 -10.30 24.91 31.06
CA TYR B 495 -10.63 23.49 31.15
C TYR B 495 -9.55 22.75 31.92
N ALA B 496 -9.96 21.66 32.58
CA ALA B 496 -8.98 20.84 33.29
C ALA B 496 -8.15 20.00 32.34
N SER B 497 -8.71 19.66 31.17
CA SER B 497 -8.04 18.76 30.25
C SER B 497 -8.58 19.01 28.85
N GLY B 498 -7.70 18.85 27.86
CA GLY B 498 -8.14 18.70 26.48
C GLY B 498 -8.65 17.30 26.24
N SER B 499 -9.11 17.05 25.01
CA SER B 499 -9.55 15.71 24.65
C SER B 499 -8.43 14.70 24.93
N PHE B 500 -8.81 13.55 25.49
CA PHE B 500 -7.83 12.69 26.17
C PHE B 500 -8.29 11.24 26.25
N GLY B 501 -8.65 10.65 25.10
CA GLY B 501 -9.03 9.26 25.04
C GLY B 501 -7.83 8.34 24.84
N PRO B 502 -8.08 7.04 24.84
CA PRO B 502 -6.98 6.07 24.79
C PRO B 502 -6.38 5.92 23.40
N THR B 503 -5.15 5.44 23.38
CA THR B 503 -4.48 5.03 22.15
C THR B 503 -4.52 3.51 22.05
N THR B 504 -4.11 2.99 20.89
CA THR B 504 -4.20 1.57 20.60
C THR B 504 -3.25 0.78 21.50
N ALA B 505 -3.81 -0.20 22.22
CA ALA B 505 -3.03 -0.96 23.19
C ALA B 505 -1.95 -1.82 22.54
N GLY B 506 -2.21 -2.35 21.33
CA GLY B 506 -1.32 -3.35 20.77
C GLY B 506 0.12 -2.90 20.62
N ALA B 507 0.34 -1.60 20.43
CA ALA B 507 1.69 -1.07 20.24
C ALA B 507 2.58 -1.24 21.47
N MET B 508 1.99 -1.40 22.66
CA MET B 508 2.74 -1.56 23.89
C MET B 508 2.89 -3.02 24.31
N ASP B 509 2.40 -3.97 23.49
CA ASP B 509 2.36 -5.37 23.91
C ASP B 509 3.74 -5.90 24.28
N SER B 510 4.78 -5.47 23.57
CA SER B 510 6.12 -6.03 23.82
C SER B 510 6.72 -5.58 25.14
N TYR B 511 6.10 -4.64 25.85
CA TYR B 511 6.65 -4.13 27.10
C TYR B 511 6.02 -4.74 28.34
N VAL B 512 4.83 -5.36 28.23
CA VAL B 512 4.04 -5.69 29.41
C VAL B 512 4.75 -6.74 30.26
N ASP B 513 5.18 -7.85 29.64
CA ASP B 513 5.84 -8.90 30.42
C ASP B 513 7.11 -8.38 31.09
N LEU B 514 7.91 -7.60 30.36
CA LEU B 514 9.12 -7.03 30.94
C LEU B 514 8.80 -6.15 32.14
N PHE B 515 7.86 -5.23 31.98
CA PHE B 515 7.54 -4.30 33.06
C PHE B 515 6.91 -5.03 34.24
N GLN B 516 6.05 -6.01 33.98
CA GLN B 516 5.42 -6.74 35.08
C GLN B 516 6.43 -7.58 35.84
N SER B 517 7.40 -8.16 35.15
CA SER B 517 8.44 -8.91 35.85
C SER B 517 9.32 -8.00 36.70
N HIS B 518 9.27 -6.68 36.47
CA HIS B 518 9.98 -5.71 37.28
C HIS B 518 9.06 -4.96 38.24
N GLY B 519 7.84 -5.46 38.45
CA GLY B 519 6.99 -4.96 39.51
C GLY B 519 6.12 -3.78 39.14
N GLY B 520 5.89 -3.53 37.85
CA GLY B 520 5.06 -2.42 37.43
C GLY B 520 4.18 -2.79 36.25
N SER B 521 3.35 -1.83 35.85
CA SER B 521 2.42 -2.01 34.74
C SER B 521 1.50 -3.22 34.96
N TYR B 522 1.14 -3.53 36.21
CA TYR B 522 0.25 -4.64 36.49
C TYR B 522 -1.16 -4.40 35.95
N ILE B 523 -1.59 -3.15 35.87
CA ILE B 523 -2.88 -2.78 35.32
C ILE B 523 -2.66 -1.77 34.22
N THR B 524 -3.15 -2.07 33.02
CA THR B 524 -3.07 -1.14 31.90
C THR B 524 -4.47 -0.82 31.40
N LEU B 525 -4.60 0.38 30.83
CA LEU B 525 -5.89 0.89 30.39
C LEU B 525 -5.70 1.55 29.03
N ALA B 526 -6.37 1.00 28.01
CA ALA B 526 -6.30 1.56 26.66
C ALA B 526 -7.50 1.05 25.87
N LYS B 527 -7.34 0.93 24.54
CA LYS B 527 -8.40 0.37 23.70
C LYS B 527 -7.77 -0.57 22.67
N GLY B 528 -8.55 -1.55 22.25
CA GLY B 528 -8.14 -2.51 21.26
C GLY B 528 -7.79 -3.86 21.88
N ASN B 529 -8.02 -4.93 21.12
CA ASN B 529 -7.58 -6.25 21.50
C ASN B 529 -6.06 -6.34 21.45
N ARG B 530 -5.49 -7.25 22.25
CA ARG B 530 -4.05 -7.35 22.40
C ARG B 530 -3.57 -8.75 22.03
N SER B 531 -2.26 -8.90 21.90
CA SER B 531 -1.70 -10.17 21.48
C SER B 531 -1.63 -11.15 22.66
N LYS B 532 -1.38 -12.42 22.32
CA LYS B 532 -1.38 -13.48 23.30
C LYS B 532 -0.34 -13.27 24.40
N GLN B 533 0.78 -12.63 24.08
CA GLN B 533 1.81 -12.41 25.09
C GLN B 533 1.30 -11.57 26.25
N VAL B 534 0.34 -10.68 26.01
CA VAL B 534 -0.20 -9.87 27.09
C VAL B 534 -1.10 -10.71 27.99
N THR B 535 -1.89 -11.61 27.38
CA THR B 535 -2.72 -12.52 28.18
C THR B 535 -1.85 -13.42 29.06
N ASP B 536 -0.76 -13.96 28.50
CA ASP B 536 0.14 -14.80 29.27
C ASP B 536 0.83 -14.02 30.39
N ALA B 537 1.25 -12.78 30.10
CA ALA B 537 1.91 -11.98 31.11
C ALA B 537 0.98 -11.70 32.29
N CYS B 538 -0.25 -11.28 31.99
CA CYS B 538 -1.20 -10.98 33.07
C CYS B 538 -1.49 -12.22 33.91
N LYS B 539 -1.52 -13.40 33.28
CA LYS B 539 -1.70 -14.63 34.05
C LYS B 539 -0.46 -14.96 34.87
N LYS B 540 0.73 -14.74 34.30
CA LYS B 540 1.97 -15.05 35.01
C LYS B 540 2.17 -14.12 36.20
N HIS B 541 1.78 -12.85 36.07
CA HIS B 541 2.12 -11.82 37.03
C HIS B 541 0.95 -11.27 37.83
N GLY B 542 -0.26 -11.79 37.64
CA GLY B 542 -1.40 -11.27 38.35
C GLY B 542 -1.75 -9.87 37.86
N GLY B 543 -1.85 -9.72 36.55
CA GLY B 543 -2.12 -8.45 35.93
C GLY B 543 -3.48 -8.39 35.25
N PHE B 544 -3.81 -7.19 34.78
CA PHE B 544 -5.10 -6.93 34.15
C PHE B 544 -4.92 -5.93 33.01
N TYR B 545 -5.67 -6.12 31.94
CA TYR B 545 -5.81 -5.11 30.89
C TYR B 545 -7.25 -4.66 30.85
N LEU B 546 -7.47 -3.35 31.03
CA LEU B 546 -8.80 -2.76 31.01
C LEU B 546 -9.01 -2.03 29.69
N GLY B 547 -10.14 -2.30 29.06
CA GLY B 547 -10.45 -1.66 27.79
C GLY B 547 -11.35 -0.47 27.96
N SER B 548 -10.78 0.73 27.79
CA SER B 548 -11.60 1.93 27.69
C SER B 548 -12.39 1.88 26.40
N ILE B 549 -13.53 2.58 26.39
CA ILE B 549 -14.17 2.85 25.12
C ILE B 549 -13.21 3.65 24.27
N GLY B 550 -13.11 3.31 22.98
CA GLY B 550 -12.22 3.99 22.07
C GLY B 550 -12.96 5.05 21.28
N GLY B 551 -12.43 6.27 21.29
CA GLY B 551 -13.05 7.36 20.55
C GLY B 551 -13.62 8.54 21.33
N PRO B 552 -14.25 8.32 22.51
CA PRO B 552 -15.02 9.43 23.12
C PRO B 552 -14.14 10.38 23.95
N ALA B 553 -13.15 10.97 23.28
CA ALA B 553 -12.13 11.75 23.98
C ALA B 553 -12.68 13.04 24.56
N ALA B 554 -13.69 13.63 23.92
CA ALA B 554 -14.21 14.90 24.39
C ALA B 554 -15.04 14.74 25.65
N ILE B 555 -15.90 13.72 25.70
CA ILE B 555 -16.72 13.54 26.88
C ILE B 555 -15.88 13.00 28.05
N LEU B 556 -14.87 12.18 27.76
CA LEU B 556 -13.95 11.77 28.82
C LEU B 556 -13.27 12.99 29.44
N ALA B 557 -12.76 13.90 28.60
CA ALA B 557 -12.11 15.11 29.11
C ALA B 557 -13.10 15.96 29.91
N LYS B 558 -14.29 16.17 29.37
CA LYS B 558 -15.24 17.07 30.02
C LYS B 558 -15.76 16.51 31.33
N ASP B 559 -16.01 15.20 31.38
CA ASP B 559 -16.73 14.58 32.49
C ASP B 559 -15.85 13.77 33.44
N SER B 560 -14.78 13.15 32.96
CA SER B 560 -14.04 12.19 33.77
C SER B 560 -12.68 12.68 34.24
N ILE B 561 -11.98 13.49 33.45
CA ILE B 561 -10.62 13.87 33.78
C ILE B 561 -10.66 15.18 34.55
N LYS B 562 -10.17 15.15 35.79
CA LYS B 562 -10.29 16.28 36.71
C LYS B 562 -8.99 17.08 36.85
N GLN B 563 -7.84 16.45 36.63
CA GLN B 563 -6.56 17.13 36.77
C GLN B 563 -5.53 16.42 35.90
N VAL B 564 -4.66 17.21 35.26
CA VAL B 564 -3.58 16.70 34.43
C VAL B 564 -2.31 17.44 34.79
N THR B 565 -1.23 16.70 35.06
CA THR B 565 0.09 17.27 35.28
C THR B 565 1.12 16.43 34.54
N CYS B 566 2.18 17.09 34.08
CA CYS B 566 3.29 16.38 33.44
C CYS B 566 4.26 15.88 34.50
N LEU B 567 4.53 14.57 34.50
CA LEU B 567 5.40 13.95 35.49
C LEU B 567 6.83 13.72 35.01
N ALA B 568 7.01 13.34 33.74
CA ALA B 568 8.34 13.04 33.21
C ALA B 568 8.33 13.20 31.69
N PHE B 569 9.53 13.31 31.14
CA PHE B 569 9.75 13.45 29.70
C PHE B 569 8.94 14.57 29.04
N PRO B 570 9.02 15.80 29.55
CA PRO B 570 8.22 16.89 28.96
C PRO B 570 8.54 17.15 27.49
N GLU B 571 9.75 16.85 27.05
CA GLU B 571 10.14 17.12 25.66
C GLU B 571 9.35 16.30 24.65
N LEU B 572 8.67 15.24 25.07
CA LEU B 572 7.93 14.42 24.12
C LEU B 572 6.59 15.01 23.74
N GLY B 573 6.22 16.15 24.30
CA GLY B 573 4.93 16.75 23.93
C GLY B 573 3.78 15.90 24.42
N MET B 574 2.85 15.58 23.52
CA MET B 574 1.69 14.78 23.90
C MET B 574 2.09 13.38 24.38
N GLU B 575 3.31 12.94 24.07
CA GLU B 575 3.81 11.63 24.46
C GLU B 575 4.62 11.65 25.76
N ALA B 576 4.57 12.76 26.50
CA ALA B 576 5.18 12.81 27.82
C ALA B 576 4.48 11.83 28.78
N VAL B 577 5.12 11.58 29.91
CA VAL B 577 4.46 10.85 30.99
C VAL B 577 3.60 11.83 31.79
N TRP B 578 2.31 11.53 31.89
CA TRP B 578 1.39 12.37 32.63
C TRP B 578 0.87 11.64 33.86
N LYS B 579 0.45 12.43 34.84
CA LYS B 579 -0.25 11.94 36.01
C LYS B 579 -1.60 12.64 36.01
N ILE B 580 -2.69 11.87 35.91
CA ILE B 580 -4.01 12.46 35.82
C ILE B 580 -4.91 11.86 36.89
N GLU B 581 -5.90 12.64 37.30
CA GLU B 581 -6.92 12.23 38.25
C GLU B 581 -8.25 12.14 37.52
N VAL B 582 -8.89 10.98 37.59
CA VAL B 582 -10.12 10.73 36.85
C VAL B 582 -11.23 10.35 37.83
N GLU B 583 -12.47 10.57 37.39
CA GLU B 583 -13.66 10.12 38.11
C GLU B 583 -14.61 9.48 37.10
N ASP B 584 -15.29 8.41 37.52
CA ASP B 584 -16.30 7.76 36.70
C ASP B 584 -15.77 7.47 35.29
N PHE B 585 -14.57 6.91 35.24
CA PHE B 585 -13.95 6.58 33.95
C PHE B 585 -14.36 5.16 33.59
N PRO B 586 -15.14 4.96 32.54
CA PRO B 586 -15.66 3.61 32.23
C PRO B 586 -14.65 2.77 31.48
N ALA B 587 -14.62 1.48 31.81
CA ALA B 587 -13.80 0.51 31.11
C ALA B 587 -14.39 -0.87 31.30
N PHE B 588 -13.94 -1.81 30.46
CA PHE B 588 -14.25 -3.22 30.58
C PHE B 588 -12.99 -3.99 30.93
N ILE B 589 -13.15 -5.05 31.72
CA ILE B 589 -12.05 -5.95 31.99
C ILE B 589 -11.87 -6.84 30.76
N VAL B 590 -10.81 -6.59 29.99
CA VAL B 590 -10.59 -7.32 28.75
C VAL B 590 -9.71 -8.55 28.99
N VAL B 591 -8.62 -8.39 29.73
CA VAL B 591 -7.75 -9.49 30.12
C VAL B 591 -7.70 -9.53 31.64
N ASP B 592 -7.91 -10.72 32.21
CA ASP B 592 -7.84 -10.89 33.64
C ASP B 592 -6.50 -11.53 34.03
N ASP B 593 -6.40 -11.96 35.28
CA ASP B 593 -5.18 -12.58 35.79
C ASP B 593 -5.23 -14.09 35.76
N LYS B 594 -6.09 -14.66 34.90
CA LYS B 594 -6.34 -16.10 34.90
C LYS B 594 -6.23 -16.72 33.50
N GLY B 595 -5.77 -15.96 32.51
CA GLY B 595 -5.68 -16.46 31.16
C GLY B 595 -6.90 -16.18 30.30
N ASN B 596 -7.84 -15.37 30.77
CA ASN B 596 -9.07 -15.08 30.05
C ASN B 596 -8.97 -13.75 29.32
N ASP B 597 -9.65 -13.68 28.19
CA ASP B 597 -9.59 -12.55 27.28
C ASP B 597 -10.98 -12.43 26.68
N MET B 598 -11.63 -11.27 26.82
CA MET B 598 -13.00 -11.21 26.34
C MET B 598 -13.11 -11.19 24.82
N TYR B 599 -11.99 -11.15 24.11
CA TYR B 599 -11.97 -11.24 22.66
C TYR B 599 -11.57 -12.63 22.16
N SER B 600 -11.35 -13.58 23.07
CA SER B 600 -10.79 -14.87 22.65
C SER B 600 -11.73 -15.66 21.75
N LYS B 601 -13.04 -15.41 21.83
CA LYS B 601 -13.96 -16.12 20.94
C LYS B 601 -14.19 -15.37 19.63
N THR B 602 -14.40 -14.06 19.67
CA THR B 602 -14.73 -13.33 18.45
C THR B 602 -13.50 -13.05 17.59
N LEU B 603 -12.31 -12.95 18.19
CA LEU B 603 -11.10 -12.60 17.47
C LEU B 603 -10.09 -13.74 17.47
N ALA B 604 -10.53 -14.98 17.66
CA ALA B 604 -9.65 -16.14 17.64
C ALA B 604 -9.02 -16.34 16.27
FE1 SF4 C . 9.77 -10.33 -16.46
FE2 SF4 C . 10.63 -11.58 -14.17
FE3 SF4 C . 8.05 -10.72 -14.34
FE4 SF4 C . 10.13 -8.91 -14.16
S1 SF4 C . 9.46 -10.43 -12.58
S2 SF4 C . 8.35 -8.78 -15.57
S3 SF4 C . 11.73 -9.98 -15.36
S4 SF4 C . 9.04 -12.32 -15.62
C1 LMR D . 5.78 -12.59 -13.25
O1A LMR D . 5.10 -13.32 -12.50
O1B LMR D . 6.99 -12.36 -12.99
C2 LMR D . 5.14 -11.97 -14.47
O2 LMR D . 5.78 -10.75 -14.71
C3 LMR D . 5.37 -12.91 -15.64
C4 LMR D . 4.34 -12.74 -16.76
O4A LMR D . 3.29 -12.07 -16.56
O4B LMR D . 4.56 -13.27 -17.89
FE1 SF4 E . -9.45 8.41 17.59
FE2 SF4 E . -9.79 6.96 15.30
FE3 SF4 E . -9.84 5.71 17.72
FE4 SF4 E . -7.48 6.65 16.76
S1 SF4 E . -8.74 4.99 15.86
S2 SF4 E . -8.32 6.90 18.89
S3 SF4 E . -8.21 8.55 15.67
S4 SF4 E . -11.32 7.29 16.96
C1 LMR F . -4.90 5.27 17.79
O1A LMR F . -4.06 4.40 18.12
O1B LMR F . -6.09 4.94 17.51
C2 LMR F . -4.47 6.72 17.72
O2 LMR F . -5.31 7.36 16.80
C3 LMR F . -4.66 7.32 19.11
C4 LMR F . -3.78 8.55 19.36
O4A LMR F . -2.78 8.81 18.62
O4B LMR F . -4.06 9.30 20.33
C1 GOL G . 3.48 -9.84 2.69
O1 GOL G . 4.52 -10.77 2.63
C2 GOL G . 2.19 -10.64 2.38
O2 GOL G . 2.47 -11.84 1.75
C3 GOL G . 1.31 -9.69 1.51
O3 GOL G . 0.18 -10.44 1.12
C1 GOL H . -1.91 -2.72 12.52
O1 GOL H . -1.45 -4.02 12.35
C2 GOL H . -1.43 -2.26 13.89
O2 GOL H . -0.43 -1.30 13.80
C3 GOL H . -2.73 -1.76 14.59
O3 GOL H . -2.38 -0.81 15.54
#